data_2B1B
# 
_entry.id   2B1B 
# 
_audit_conform.dict_name       mmcif_pdbx.dic 
_audit_conform.dict_version    5.376 
_audit_conform.dict_location   http://mmcif.pdb.org/dictionaries/ascii/mmcif_pdbx.dic 
# 
loop_
_database_2.database_id 
_database_2.database_code 
_database_2.pdbx_database_accession 
_database_2.pdbx_DOI 
PDB   2B1B         pdb_00002b1b 10.2210/pdb2b1b/pdb 
NDB   AD0058       ?            ?                   
RCSB  RCSB034551   ?            ?                   
WWPDB D_1000034551 ?            ?                   
# 
loop_
_pdbx_database_related.db_name 
_pdbx_database_related.db_id 
_pdbx_database_related.details 
_pdbx_database_related.content_type 
PDB 2B1C 
;5'-D(*GP*CP*GP*TP*GP*GP*GP*AP*CP*C)-3' Zif268 binding site
;
unspecified 
PDB 2B1D 
;5'-D(*GP*CP*AP*GP*AP*CP*GP*TP*CP*TP*GP*C)-3' Methionine Repressor binding site
;
unspecified 
# 
_pdbx_database_status.entry_id                        2B1B 
_pdbx_database_status.deposit_site                    RCSB 
_pdbx_database_status.process_site                    RCSB 
_pdbx_database_status.recvd_initial_deposition_date   2005-09-15 
_pdbx_database_status.status_code                     REL 
_pdbx_database_status.status_code_sf                  REL 
_pdbx_database_status.status_code_mr                  ? 
_pdbx_database_status.SG_entry                        ? 
_pdbx_database_status.pdb_format_compatible           Y 
_pdbx_database_status.status_code_cs                  ? 
_pdbx_database_status.methods_development_category    ? 
_pdbx_database_status.status_code_nmr_data            ? 
# 
loop_
_audit_author.name 
_audit_author.pdbx_ordinal 
'Berman, H.M.' 1 
'Napoli, A.A.' 2 
# 
_citation.id                        primary 
_citation.title                     'Signatures of protein-DNA recognition in free DNA binding sites.' 
_citation.journal_abbrev            J.Mol.Biol. 
_citation.journal_volume            386 
_citation.page_first                1054 
_citation.page_last                 1065 
_citation.year                      2009 
_citation.journal_id_ASTM           JMOBAK 
_citation.country                   UK 
_citation.journal_id_ISSN           0022-2836 
_citation.journal_id_CSD            0070 
_citation.book_publisher            ? 
_citation.pdbx_database_id_PubMed   19244617 
_citation.pdbx_database_id_DOI      ? 
# 
loop_
_citation_author.citation_id 
_citation_author.name 
_citation_author.ordinal 
_citation_author.identifier_ORCID 
primary 'Locasale, J.W.' 1 ? 
primary 'Napoli, A.A.'   2 ? 
primary 'Chen, S.'       3 ? 
primary 'Berman, H.M.'   4 ? 
primary 'Lawson, C.L.'   5 ? 
# 
_cell.length_a           38.258 
_cell.length_b           38.258 
_cell.length_c           78.167 
_cell.angle_alpha        90.00 
_cell.angle_beta         90.00 
_cell.angle_gamma        120.00 
_cell.entry_id           2B1B 
_cell.pdbx_unique_axis   ? 
_cell.Z_PDB              12 
# 
_symmetry.space_group_name_H-M             'P 61 2 2' 
_symmetry.entry_id                         2B1B 
_symmetry.pdbx_full_space_group_name_H-M   ? 
_symmetry.Int_Tables_number                178 
_symmetry.cell_setting                     ? 
_symmetry.space_group_name_Hall            ? 
# 
loop_
_entity.id 
_entity.type 
_entity.src_method 
_entity.pdbx_description 
_entity.formula_weight 
_entity.pdbx_number_of_molecules 
_entity.pdbx_ec 
_entity.pdbx_mutation 
_entity.pdbx_fragment 
_entity.details 
1 polymer     syn "5'-D(*GP*CP*GP*TP*GP*GP*GP*CP*AP*C)-3'" 3086.017 1  ? ? ? ? 
2 polymer     syn "5'-D(*GP*TP*GP*CP*CP*CP*AP*CP*GP*C)-3'" 3005.969 1  ? ? ? ? 
3 non-polymer syn 'MAGNESIUM ION'                          24.305   1  ? ? ? ? 
4 water       nat water                                    18.015   29 ? ? ? ? 
# 
loop_
_entity_poly.entity_id 
_entity_poly.type 
_entity_poly.nstd_linkage 
_entity_poly.nstd_monomer 
_entity_poly.pdbx_seq_one_letter_code 
_entity_poly.pdbx_seq_one_letter_code_can 
_entity_poly.pdbx_strand_id 
_entity_poly.pdbx_target_identifier 
1 polydeoxyribonucleotide no no '(DG)(DC)(DG)(DT)(DG)(DG)(DG)(DC)(DA)(DC)' GCGTGGGCAC A ? 
2 polydeoxyribonucleotide no no '(DG)(DT)(DG)(DC)(DC)(DC)(DA)(DC)(DG)(DC)' GTGCCCACGC B ? 
# 
loop_
_entity_poly_seq.entity_id 
_entity_poly_seq.num 
_entity_poly_seq.mon_id 
_entity_poly_seq.hetero 
1 1  DG n 
1 2  DC n 
1 3  DG n 
1 4  DT n 
1 5  DG n 
1 6  DG n 
1 7  DG n 
1 8  DC n 
1 9  DA n 
1 10 DC n 
2 1  DG n 
2 2  DT n 
2 3  DG n 
2 4  DC n 
2 5  DC n 
2 6  DC n 
2 7  DA n 
2 8  DC n 
2 9  DG n 
2 10 DC n 
# 
loop_
_struct_ref.id 
_struct_ref.entity_id 
_struct_ref.db_name 
_struct_ref.db_code 
_struct_ref.pdbx_db_accession 
_struct_ref.pdbx_db_isoform 
_struct_ref.pdbx_seq_one_letter_code 
_struct_ref.pdbx_align_begin 
1 1 PDB 2B1B 2B1B ? ? ? 
2 2 PDB 2B1B 2B1B ? ? ? 
# 
loop_
_struct_ref_seq.align_id 
_struct_ref_seq.ref_id 
_struct_ref_seq.pdbx_PDB_id_code 
_struct_ref_seq.pdbx_strand_id 
_struct_ref_seq.seq_align_beg 
_struct_ref_seq.pdbx_seq_align_beg_ins_code 
_struct_ref_seq.seq_align_end 
_struct_ref_seq.pdbx_seq_align_end_ins_code 
_struct_ref_seq.pdbx_db_accession 
_struct_ref_seq.db_align_beg 
_struct_ref_seq.pdbx_db_align_beg_ins_code 
_struct_ref_seq.db_align_end 
_struct_ref_seq.pdbx_db_align_end_ins_code 
_struct_ref_seq.pdbx_auth_seq_align_beg 
_struct_ref_seq.pdbx_auth_seq_align_end 
1 1 2B1B A 1 ? 10 ? 2B1B 1  ? 10 ? 1  10 
2 2 2B1B B 1 ? 10 ? 2B1B 11 ? 20 ? 11 20 
# 
loop_
_chem_comp.id 
_chem_comp.type 
_chem_comp.mon_nstd_flag 
_chem_comp.name 
_chem_comp.pdbx_synonyms 
_chem_comp.formula 
_chem_comp.formula_weight 
DA  'DNA linking' y "2'-DEOXYADENOSINE-5'-MONOPHOSPHATE" ? 'C10 H14 N5 O6 P' 331.222 
DC  'DNA linking' y "2'-DEOXYCYTIDINE-5'-MONOPHOSPHATE"  ? 'C9 H14 N3 O7 P'  307.197 
DG  'DNA linking' y "2'-DEOXYGUANOSINE-5'-MONOPHOSPHATE" ? 'C10 H14 N5 O7 P' 347.221 
DT  'DNA linking' y "THYMIDINE-5'-MONOPHOSPHATE"         ? 'C10 H15 N2 O8 P' 322.208 
HOH non-polymer   . WATER                                ? 'H2 O'            18.015  
MG  non-polymer   . 'MAGNESIUM ION'                      ? 'Mg 2'            24.305  
# 
_exptl.entry_id          2B1B 
_exptl.method            'X-RAY DIFFRACTION' 
_exptl.crystals_number   1 
# 
_exptl_crystal.id                    1 
_exptl_crystal.density_meas          ? 
_exptl_crystal.density_Matthews      2.60 
_exptl_crystal.density_percent_sol   52.00 
_exptl_crystal.description           ? 
_exptl_crystal.F_000                 ? 
_exptl_crystal.preparation           ? 
# 
_exptl_crystal_grow.crystal_id      1 
_exptl_crystal_grow.method          ? 
_exptl_crystal_grow.temp            295 
_exptl_crystal_grow.temp_details    ? 
_exptl_crystal_grow.pH              5.50 
_exptl_crystal_grow.pdbx_details    
;MPD, sodium cacodylate, cobalt hexamine, sodium chloride, potassium chloride, vapor diffusion, hanging drop, temperature 295K, pH 5.50
;
_exptl_crystal_grow.pdbx_pH_range   . 
# 
loop_
_exptl_crystal_grow_comp.crystal_id 
_exptl_crystal_grow_comp.id 
_exptl_crystal_grow_comp.sol_id 
_exptl_crystal_grow_comp.name 
_exptl_crystal_grow_comp.conc 
_exptl_crystal_grow_comp.volume 
_exptl_crystal_grow_comp.details 
1 1  1 MPD                  ? ? ? 
1 2  1 'sodium cacodylate'  ? ? ? 
1 3  1 'cobalt hexamine'    ? ? ? 
1 4  1 'sodium chloride'    ? ? ? 
1 5  1 'potassium chloride' ? ? ? 
1 6  1 H2O                  ? ? ? 
1 7  2 MPD                  ? ? ? 
1 8  2 'sodium cacodylate'  ? ? ? 
1 9  2 'cobalt hexamine'    ? ? ? 
1 10 2 'sodium chloride'    ? ? ? 
1 11 2 'potassium chloride' ? ? ? 
1 12 2 H2O                  ? ? ? 
# 
_diffrn.id                     1 
_diffrn.ambient_temp           100.0 
_diffrn.ambient_temp_details   ? 
_diffrn.crystal_id             1 
# 
_diffrn_detector.diffrn_id              1 
_diffrn_detector.detector               CCD 
_diffrn_detector.type                   'ADSC QUANTUM 4' 
_diffrn_detector.pdbx_collection_date   2001-03-13 
_diffrn_detector.details                ? 
# 
_diffrn_radiation.diffrn_id                        1 
_diffrn_radiation.wavelength_id                    1 
_diffrn_radiation.pdbx_monochromatic_or_laue_m_l   M 
_diffrn_radiation.monochromator                    ? 
_diffrn_radiation.pdbx_diffrn_protocol             'SINGLE WAVELENGTH' 
_diffrn_radiation.pdbx_scattering_type             x-ray 
# 
_diffrn_radiation_wavelength.id           1 
_diffrn_radiation_wavelength.wavelength   1.00670 
_diffrn_radiation_wavelength.wt           1.0 
# 
_diffrn_source.diffrn_id                   1 
_diffrn_source.source                      SYNCHROTRON 
_diffrn_source.type                        'NSLS BEAMLINE X12C' 
_diffrn_source.pdbx_synchrotron_site       NSLS 
_diffrn_source.pdbx_synchrotron_beamline   X12C 
_diffrn_source.pdbx_wavelength             1.00670 
_diffrn_source.pdbx_wavelength_list        ? 
# 
_reflns.entry_id                     2B1B 
_reflns.observed_criterion_sigma_I   0.000 
_reflns.observed_criterion_sigma_F   ? 
_reflns.d_resolution_low             50.000 
_reflns.d_resolution_high            1.900 
_reflns.number_obs                   2907 
_reflns.number_all                   ? 
_reflns.percent_possible_obs         96.1 
_reflns.pdbx_Rmerge_I_obs            0.051 
_reflns.pdbx_Rsym_value              ? 
_reflns.pdbx_netI_over_sigmaI        42.4000 
_reflns.B_iso_Wilson_estimate        ? 
_reflns.pdbx_redundancy              14.000 
_reflns.R_free_details               ? 
_reflns.pdbx_chi_squared             ? 
_reflns.pdbx_scaling_rejects         ? 
_reflns.pdbx_diffrn_id               1 
_reflns.pdbx_ordinal                 1 
# 
_reflns_shell.d_res_high             1.90 
_reflns_shell.d_res_low              1.97 
_reflns_shell.percent_possible_all   80.5 
_reflns_shell.Rmerge_I_obs           0.155 
_reflns_shell.pdbx_Rsym_value        ? 
_reflns_shell.meanI_over_sigI_obs    7.900 
_reflns_shell.pdbx_redundancy        ? 
_reflns_shell.percent_possible_obs   ? 
_reflns_shell.number_unique_all      ? 
_reflns_shell.number_measured_all    ? 
_reflns_shell.number_measured_obs    ? 
_reflns_shell.number_unique_obs      ? 
_reflns_shell.pdbx_chi_squared       ? 
_reflns_shell.pdbx_diffrn_id         ? 
_reflns_shell.pdbx_ordinal           1 
# 
_refine.entry_id                                 2B1B 
_refine.ls_number_reflns_obs                     2905 
_refine.ls_number_reflns_all                     2907 
_refine.pdbx_ls_sigma_I                          ? 
_refine.pdbx_ls_sigma_F                          0.000 
_refine.pdbx_data_cutoff_high_absF               ? 
_refine.pdbx_data_cutoff_low_absF                ? 
_refine.pdbx_data_cutoff_high_rms_absF           ? 
_refine.ls_d_res_low                             19.10 
_refine.ls_d_res_high                            1.90 
_refine.ls_percent_reflns_obs                    96.9 
_refine.ls_R_factor_obs                          0.212 
_refine.ls_R_factor_all                          ? 
_refine.ls_R_factor_R_work                       0.212 
_refine.ls_R_factor_R_free                       0.255 
_refine.ls_R_factor_R_free_error                 ? 
_refine.ls_R_factor_R_free_error_details         ? 
_refine.ls_percent_reflns_R_free                 9.100 
_refine.ls_number_reflns_R_free                  273 
_refine.ls_number_parameters                     ? 
_refine.ls_number_restraints                     ? 
_refine.occupancy_min                            ? 
_refine.occupancy_max                            ? 
_refine.correlation_coeff_Fo_to_Fc               ? 
_refine.correlation_coeff_Fo_to_Fc_free          ? 
_refine.B_iso_mean                               19.54 
_refine.aniso_B[1][1]                            -1.21800 
_refine.aniso_B[2][2]                            -1.21800 
_refine.aniso_B[3][3]                            2.43500 
_refine.aniso_B[1][2]                            -9.38300 
_refine.aniso_B[1][3]                            0.00000 
_refine.aniso_B[2][3]                            0.00000 
_refine.solvent_model_details                    ? 
_refine.solvent_model_param_ksol                 ? 
_refine.solvent_model_param_bsol                 127.83 
_refine.pdbx_solvent_vdw_probe_radii             ? 
_refine.pdbx_solvent_ion_probe_radii             ? 
_refine.pdbx_solvent_shrinkage_radii             ? 
_refine.pdbx_ls_cross_valid_method               THROUGHOUT 
_refine.details                                  ? 
_refine.pdbx_starting_model                      'PDB ENTRY 401D' 
_refine.pdbx_method_to_determine_struct          'MOLECULAR REPLACEMENT' 
_refine.pdbx_isotropic_thermal_model             ? 
_refine.pdbx_stereochemistry_target_values       'ENGH & HUBER' 
_refine.pdbx_stereochem_target_val_spec_case     ? 
_refine.pdbx_R_Free_selection_details            RANDOM 
_refine.pdbx_overall_ESU_R                       ? 
_refine.pdbx_overall_ESU_R_Free                  ? 
_refine.overall_SU_ML                            ? 
_refine.overall_SU_B                             ? 
_refine.ls_redundancy_reflns_obs                 ? 
_refine.overall_SU_R_Cruickshank_DPI             ? 
_refine.overall_SU_R_free                        ? 
_refine.ls_wR_factor_R_free                      ? 
_refine.ls_wR_factor_R_work                      ? 
_refine.overall_FOM_free_R_set                   ? 
_refine.overall_FOM_work_R_set                   ? 
_refine.pdbx_refine_id                           'X-RAY DIFFRACTION' 
_refine.pdbx_diffrn_id                           1 
_refine.pdbx_TLS_residual_ADP_flag               ? 
_refine.pdbx_overall_phase_error                 ? 
_refine.pdbx_overall_SU_R_free_Cruickshank_DPI   ? 
_refine.pdbx_overall_SU_R_Blow_DPI               ? 
_refine.pdbx_overall_SU_R_free_Blow_DPI          ? 
# 
_refine_analyze.entry_id                        2B1B 
_refine_analyze.Luzzati_coordinate_error_obs    0.38 
_refine_analyze.Luzzati_sigma_a_obs             0.24 
_refine_analyze.Luzzati_d_res_low_obs           5.0 
_refine_analyze.Luzzati_coordinate_error_free   0.58 
_refine_analyze.Luzzati_sigma_a_free            0.38 
_refine_analyze.Luzzati_d_res_low_free          ? 
_refine_analyze.number_disordered_residues      ? 
_refine_analyze.occupancy_sum_hydrogen          ? 
_refine_analyze.occupancy_sum_non_hydrogen      ? 
_refine_analyze.pdbx_refine_id                  'X-RAY DIFFRACTION' 
# 
_refine_hist.pdbx_refine_id                   'X-RAY DIFFRACTION' 
_refine_hist.cycle_id                         LAST 
_refine_hist.pdbx_number_atoms_protein        0 
_refine_hist.pdbx_number_atoms_nucleic_acid   404 
_refine_hist.pdbx_number_atoms_ligand         1 
_refine_hist.number_atoms_solvent             29 
_refine_hist.number_atoms_total               434 
_refine_hist.d_res_high                       1.90 
_refine_hist.d_res_low                        19.10 
# 
loop_
_refine_ls_restr.type 
_refine_ls_restr.dev_ideal 
_refine_ls_restr.dev_ideal_target 
_refine_ls_restr.weight 
_refine_ls_restr.number 
_refine_ls_restr.pdbx_refine_id 
_refine_ls_restr.pdbx_restraint_function 
c_bond_d                0.016 ? ? ? 'X-RAY DIFFRACTION' ? 
c_bond_d_na             ?     ? ? ? 'X-RAY DIFFRACTION' ? 
c_bond_d_prot           ?     ? ? ? 'X-RAY DIFFRACTION' ? 
c_angle_d               ?     ? ? ? 'X-RAY DIFFRACTION' ? 
c_angle_d_na            ?     ? ? ? 'X-RAY DIFFRACTION' ? 
c_angle_d_prot          ?     ? ? ? 'X-RAY DIFFRACTION' ? 
c_angle_deg             1.79  ? ? ? 'X-RAY DIFFRACTION' ? 
c_angle_deg_na          ?     ? ? ? 'X-RAY DIFFRACTION' ? 
c_angle_deg_prot        ?     ? ? ? 'X-RAY DIFFRACTION' ? 
c_dihedral_angle_d      9.95  ? ? ? 'X-RAY DIFFRACTION' ? 
c_dihedral_angle_d_na   ?     ? ? ? 'X-RAY DIFFRACTION' ? 
c_dihedral_angle_d_prot ?     ? ? ? 'X-RAY DIFFRACTION' ? 
c_improper_angle_d      1.91  ? ? ? 'X-RAY DIFFRACTION' ? 
c_improper_angle_d_na   ?     ? ? ? 'X-RAY DIFFRACTION' ? 
c_improper_angle_d_prot ?     ? ? ? 'X-RAY DIFFRACTION' ? 
c_mcbond_it             ?     ? ? ? 'X-RAY DIFFRACTION' ? 
c_mcangle_it            ?     ? ? ? 'X-RAY DIFFRACTION' ? 
c_scbond_it             ?     ? ? ? 'X-RAY DIFFRACTION' ? 
c_scangle_it            ?     ? ? ? 'X-RAY DIFFRACTION' ? 
# 
_refine_ls_shell.pdbx_total_number_of_bins_used   10 
_refine_ls_shell.d_res_high                       1.9 
_refine_ls_shell.d_res_low                        1.97 
_refine_ls_shell.number_reflns_R_work             204 
_refine_ls_shell.R_factor_R_work                  0.35 
_refine_ls_shell.percent_reflns_obs               72.6 
_refine_ls_shell.R_factor_R_free                  0.32 
_refine_ls_shell.R_factor_R_free_error            ? 
_refine_ls_shell.percent_reflns_R_free            10 
_refine_ls_shell.number_reflns_R_free             19 
_refine_ls_shell.redundancy_reflns_obs            ? 
_refine_ls_shell.pdbx_refine_id                   'X-RAY DIFFRACTION' 
_refine_ls_shell.number_reflns_all                ? 
_refine_ls_shell.R_factor_all                     ? 
# 
loop_
_pdbx_xplor_file.serial_no 
_pdbx_xplor_file.param_file 
_pdbx_xplor_file.topol_file 
_pdbx_xplor_file.pdbx_refine_id 
1 DNA-RNA_REP.PARAM          ? 'X-RAY DIFFRACTION' 
2 CNS_TOPPAR:ION.PARAM       ? 'X-RAY DIFFRACTION' 
3 CNS_TOPPAR:WATER_REP.PARAM ? 'X-RAY DIFFRACTION' 
# 
_struct.entry_id                  2B1B 
_struct.title                     
;5'-D(*GP*CP*GP*TP*GP*GP*GP*CP*AP*C)-3' Zif268 binding site
;
_struct.pdbx_model_details        ? 
_struct.pdbx_CASP_flag            ? 
_struct.pdbx_model_type_details   ? 
# 
_struct_keywords.text            'sequence dependent DNA deformation, A form DNA, protein-DNA recognition, DNA' 
_struct_keywords.entry_id        2B1B 
_struct_keywords.pdbx_keywords   DNA 
# 
loop_
_struct_asym.id 
_struct_asym.pdbx_blank_PDB_chainid_flag 
_struct_asym.pdbx_modified 
_struct_asym.entity_id 
_struct_asym.details 
A N N 1 ? 
B N N 2 ? 
C N N 3 ? 
D N N 4 ? 
E N N 4 ? 
# 
_struct_biol.id                    1 
_struct_biol.pdbx_parent_biol_id   ? 
_struct_biol.details               ? 
# 
loop_
_struct_conn.id 
_struct_conn.conn_type_id 
_struct_conn.pdbx_leaving_atom_flag 
_struct_conn.pdbx_PDB_id 
_struct_conn.ptnr1_label_asym_id 
_struct_conn.ptnr1_label_comp_id 
_struct_conn.ptnr1_label_seq_id 
_struct_conn.ptnr1_label_atom_id 
_struct_conn.pdbx_ptnr1_label_alt_id 
_struct_conn.pdbx_ptnr1_PDB_ins_code 
_struct_conn.pdbx_ptnr1_standard_comp_id 
_struct_conn.ptnr1_symmetry 
_struct_conn.ptnr2_label_asym_id 
_struct_conn.ptnr2_label_comp_id 
_struct_conn.ptnr2_label_seq_id 
_struct_conn.ptnr2_label_atom_id 
_struct_conn.pdbx_ptnr2_label_alt_id 
_struct_conn.pdbx_ptnr2_PDB_ins_code 
_struct_conn.ptnr1_auth_asym_id 
_struct_conn.ptnr1_auth_comp_id 
_struct_conn.ptnr1_auth_seq_id 
_struct_conn.ptnr2_auth_asym_id 
_struct_conn.ptnr2_auth_comp_id 
_struct_conn.ptnr2_auth_seq_id 
_struct_conn.ptnr2_symmetry 
_struct_conn.pdbx_ptnr3_label_atom_id 
_struct_conn.pdbx_ptnr3_label_seq_id 
_struct_conn.pdbx_ptnr3_label_comp_id 
_struct_conn.pdbx_ptnr3_label_asym_id 
_struct_conn.pdbx_ptnr3_label_alt_id 
_struct_conn.pdbx_ptnr3_PDB_ins_code 
_struct_conn.details 
_struct_conn.pdbx_dist_value 
_struct_conn.pdbx_value_order 
_struct_conn.pdbx_role 
metalc1  metalc ? ? E HOH .  O  ? ? ? 1_555 C MG .  MG ? ? B HOH 40 B MG 50 1_555 ? ? ? ? ? ? ?            2.145 ? ? 
hydrog1  hydrog ? ? A DG  1  N1 ? ? ? 1_555 B DC 10 N3 ? ? A DG  1  B DC 20 1_555 ? ? ? ? ? ? WATSON-CRICK ?     ? ? 
hydrog2  hydrog ? ? A DG  1  N2 ? ? ? 1_555 B DC 10 O2 ? ? A DG  1  B DC 20 1_555 ? ? ? ? ? ? WATSON-CRICK ?     ? ? 
hydrog3  hydrog ? ? A DG  1  O6 ? ? ? 1_555 B DC 10 N4 ? ? A DG  1  B DC 20 1_555 ? ? ? ? ? ? WATSON-CRICK ?     ? ? 
hydrog4  hydrog ? ? A DC  2  N3 ? ? ? 1_555 B DG 9  N1 ? ? A DC  2  B DG 19 1_555 ? ? ? ? ? ? WATSON-CRICK ?     ? ? 
hydrog5  hydrog ? ? A DC  2  N4 ? ? ? 1_555 B DG 9  O6 ? ? A DC  2  B DG 19 1_555 ? ? ? ? ? ? WATSON-CRICK ?     ? ? 
hydrog6  hydrog ? ? A DC  2  O2 ? ? ? 1_555 B DG 9  N2 ? ? A DC  2  B DG 19 1_555 ? ? ? ? ? ? WATSON-CRICK ?     ? ? 
hydrog7  hydrog ? ? A DG  3  N1 ? ? ? 1_555 B DC 8  N3 ? ? A DG  3  B DC 18 1_555 ? ? ? ? ? ? WATSON-CRICK ?     ? ? 
hydrog8  hydrog ? ? A DG  3  N2 ? ? ? 1_555 B DC 8  O2 ? ? A DG  3  B DC 18 1_555 ? ? ? ? ? ? WATSON-CRICK ?     ? ? 
hydrog9  hydrog ? ? A DG  3  O6 ? ? ? 1_555 B DC 8  N4 ? ? A DG  3  B DC 18 1_555 ? ? ? ? ? ? WATSON-CRICK ?     ? ? 
hydrog10 hydrog ? ? A DT  4  N3 ? ? ? 1_555 B DA 7  N1 ? ? A DT  4  B DA 17 1_555 ? ? ? ? ? ? WATSON-CRICK ?     ? ? 
hydrog11 hydrog ? ? A DT  4  O4 ? ? ? 1_555 B DA 7  N6 ? ? A DT  4  B DA 17 1_555 ? ? ? ? ? ? WATSON-CRICK ?     ? ? 
hydrog12 hydrog ? ? A DG  5  N1 ? ? ? 1_555 B DC 6  N3 ? ? A DG  5  B DC 16 1_555 ? ? ? ? ? ? WATSON-CRICK ?     ? ? 
hydrog13 hydrog ? ? A DG  5  N2 ? ? ? 1_555 B DC 6  O2 ? ? A DG  5  B DC 16 1_555 ? ? ? ? ? ? WATSON-CRICK ?     ? ? 
hydrog14 hydrog ? ? A DG  5  O6 ? ? ? 1_555 B DC 6  N4 ? ? A DG  5  B DC 16 1_555 ? ? ? ? ? ? WATSON-CRICK ?     ? ? 
hydrog15 hydrog ? ? A DG  6  N1 ? ? ? 1_555 B DC 5  N3 ? ? A DG  6  B DC 15 1_555 ? ? ? ? ? ? WATSON-CRICK ?     ? ? 
hydrog16 hydrog ? ? A DG  6  N2 ? ? ? 1_555 B DC 5  O2 ? ? A DG  6  B DC 15 1_555 ? ? ? ? ? ? WATSON-CRICK ?     ? ? 
hydrog17 hydrog ? ? A DG  6  O6 ? ? ? 1_555 B DC 5  N4 ? ? A DG  6  B DC 15 1_555 ? ? ? ? ? ? WATSON-CRICK ?     ? ? 
hydrog18 hydrog ? ? A DG  7  N1 ? ? ? 1_555 B DC 4  N3 ? ? A DG  7  B DC 14 1_555 ? ? ? ? ? ? WATSON-CRICK ?     ? ? 
hydrog19 hydrog ? ? A DG  7  N2 ? ? ? 1_555 B DC 4  O2 ? ? A DG  7  B DC 14 1_555 ? ? ? ? ? ? WATSON-CRICK ?     ? ? 
hydrog20 hydrog ? ? A DG  7  O6 ? ? ? 1_555 B DC 4  N4 ? ? A DG  7  B DC 14 1_555 ? ? ? ? ? ? WATSON-CRICK ?     ? ? 
hydrog21 hydrog ? ? A DC  8  N3 ? ? ? 1_555 B DG 3  N1 ? ? A DC  8  B DG 13 1_555 ? ? ? ? ? ? WATSON-CRICK ?     ? ? 
hydrog22 hydrog ? ? A DC  8  N4 ? ? ? 1_555 B DG 3  O6 ? ? A DC  8  B DG 13 1_555 ? ? ? ? ? ? WATSON-CRICK ?     ? ? 
hydrog23 hydrog ? ? A DC  8  O2 ? ? ? 1_555 B DG 3  N2 ? ? A DC  8  B DG 13 1_555 ? ? ? ? ? ? WATSON-CRICK ?     ? ? 
hydrog24 hydrog ? ? A DA  9  N1 ? ? ? 1_555 B DT 2  N3 ? ? A DA  9  B DT 12 1_555 ? ? ? ? ? ? WATSON-CRICK ?     ? ? 
hydrog25 hydrog ? ? A DA  9  N6 ? ? ? 1_555 B DT 2  O4 ? ? A DA  9  B DT 12 1_555 ? ? ? ? ? ? WATSON-CRICK ?     ? ? 
hydrog26 hydrog ? ? A DC  10 N3 ? ? ? 1_555 B DG 1  N1 ? ? A DC  10 B DG 11 1_555 ? ? ? ? ? ? WATSON-CRICK ?     ? ? 
hydrog27 hydrog ? ? A DC  10 N4 ? ? ? 1_555 B DG 1  O6 ? ? A DC  10 B DG 11 1_555 ? ? ? ? ? ? WATSON-CRICK ?     ? ? 
hydrog28 hydrog ? ? A DC  10 O2 ? ? ? 1_555 B DG 1  N2 ? ? A DC  10 B DG 11 1_555 ? ? ? ? ? ? WATSON-CRICK ?     ? ? 
# 
loop_
_struct_conn_type.id 
_struct_conn_type.criteria 
_struct_conn_type.reference 
metalc ? ? 
hydrog ? ? 
# 
_struct_site.id                   AC1 
_struct_site.pdbx_evidence_code   Software 
_struct_site.pdbx_auth_asym_id    B 
_struct_site.pdbx_auth_comp_id    MG 
_struct_site.pdbx_auth_seq_id     50 
_struct_site.pdbx_auth_ins_code   ? 
_struct_site.pdbx_num_residues    3 
_struct_site.details              'BINDING SITE FOR RESIDUE MG B 50' 
# 
loop_
_struct_site_gen.id 
_struct_site_gen.site_id 
_struct_site_gen.pdbx_num_res 
_struct_site_gen.label_comp_id 
_struct_site_gen.label_asym_id 
_struct_site_gen.label_seq_id 
_struct_site_gen.pdbx_auth_ins_code 
_struct_site_gen.auth_comp_id 
_struct_site_gen.auth_asym_id 
_struct_site_gen.auth_seq_id 
_struct_site_gen.label_atom_id 
_struct_site_gen.label_alt_id 
_struct_site_gen.symmetry 
_struct_site_gen.details 
1 AC1 3 DG  A 3 ? DG  A 3  . ? 11_555 ? 
2 AC1 3 DG  B 3 ? DG  B 13 . ? 1_555  ? 
3 AC1 3 HOH E . ? HOH B 40 . ? 1_555  ? 
# 
_atom_sites.entry_id                    2B1B 
_atom_sites.fract_transf_matrix[1][1]   -0.00118677 
_atom_sites.fract_transf_matrix[1][2]   -0.01503288 
_atom_sites.fract_transf_matrix[1][3]   -0.02614455 
_atom_sites.fract_transf_matrix[2][1]   0.01641808 
_atom_sites.fract_transf_matrix[2][2]   -0.02504422 
_atom_sites.fract_transf_matrix[2][3]   -0.00376653 
_atom_sites.fract_transf_matrix[3][1]   -0.00969975 
_atom_sites.fract_transf_matrix[3][2]   -0.00703323 
_atom_sites.fract_transf_matrix[3][3]   0.00448434 
_atom_sites.fract_transf_vector[1]      0.425524 
_atom_sites.fract_transf_vector[2]      0.856995 
_atom_sites.fract_transf_vector[3]      0.249035 
# 
loop_
_atom_type.symbol 
C  
MG 
N  
O  
P  
# 
loop_
_atom_site.group_PDB 
_atom_site.id 
_atom_site.type_symbol 
_atom_site.label_atom_id 
_atom_site.label_alt_id 
_atom_site.label_comp_id 
_atom_site.label_asym_id 
_atom_site.label_entity_id 
_atom_site.label_seq_id 
_atom_site.pdbx_PDB_ins_code 
_atom_site.Cartn_x 
_atom_site.Cartn_y 
_atom_site.Cartn_z 
_atom_site.occupancy 
_atom_site.B_iso_or_equiv 
_atom_site.pdbx_formal_charge 
_atom_site.auth_seq_id 
_atom_site.auth_comp_id 
_atom_site.auth_asym_id 
_atom_site.auth_atom_id 
_atom_site.pdbx_PDB_model_num 
ATOM   1   O  "O5'" . DG  A 1 1  ? 2.123   9.967   9.295   0.50 26.40 ? 1  DG  A "O5'" 1 
ATOM   2   C  "C5'" . DG  A 1 1  ? 0.979   9.809   8.414   0.50 23.74 ? 1  DG  A "C5'" 1 
ATOM   3   C  "C4'" . DG  A 1 1  ? 0.866   10.985  7.471   0.50 19.74 ? 1  DG  A "C4'" 1 
ATOM   4   O  "O4'" . DG  A 1 1  ? 2.128   11.705  7.440   0.50 20.00 ? 1  DG  A "O4'" 1 
ATOM   5   C  "C3'" . DG  A 1 1  ? 0.537   10.632  6.021   0.50 21.32 ? 1  DG  A "C3'" 1 
ATOM   6   O  "O3'" . DG  A 1 1  ? -0.897  10.719  5.816   0.50 19.11 ? 1  DG  A "O3'" 1 
ATOM   7   C  "C2'" . DG  A 1 1  ? 1.285   11.707  5.244   0.50 18.55 ? 1  DG  A "C2'" 1 
ATOM   8   C  "C1'" . DG  A 1 1  ? 2.562   11.893  6.091   0.50 17.75 ? 1  DG  A "C1'" 1 
ATOM   9   N  N9    . DG  A 1 1  ? 3.565   10.848  5.849   0.50 17.16 ? 1  DG  A N9    1 
ATOM   10  C  C8    . DG  A 1 1  ? 3.671   9.708   6.585   0.50 16.25 ? 1  DG  A C8    1 
ATOM   11  N  N7    . DG  A 1 1  ? 4.673   8.962   6.231   0.50 17.40 ? 1  DG  A N7    1 
ATOM   12  C  C5    . DG  A 1 1  ? 5.246   9.622   5.165   0.50 15.05 ? 1  DG  A C5    1 
ATOM   13  C  C6    . DG  A 1 1  ? 6.343   9.254   4.382   0.50 15.86 ? 1  DG  A C6    1 
ATOM   14  O  O6    . DG  A 1 1  ? 7.067   8.225   4.476   0.50 17.90 ? 1  DG  A O6    1 
ATOM   15  N  N1    . DG  A 1 1  ? 6.601   10.184  3.400   0.50 15.08 ? 1  DG  A N1    1 
ATOM   16  C  C2    . DG  A 1 1  ? 5.889   11.331  3.181   0.50 15.04 ? 1  DG  A C2    1 
ATOM   17  N  N2    . DG  A 1 1  ? 6.299   12.045  2.116   0.50 10.93 ? 1  DG  A N2    1 
ATOM   18  N  N3    . DG  A 1 1  ? 4.854   11.713  3.939   0.50 11.62 ? 1  DG  A N3    1 
ATOM   19  C  C4    . DG  A 1 1  ? 4.585   10.797  4.904   0.50 14.41 ? 1  DG  A C4    1 
ATOM   20  P  P     . DC  A 1 2  ? -1.644  9.692   4.851   0.50 22.17 ? 2  DC  A P     1 
ATOM   21  O  OP1   . DC  A 1 2  ? -3.111  10.014  4.982   0.50 15.37 ? 2  DC  A OP1   1 
ATOM   22  O  OP2   . DC  A 1 2  ? -1.142  8.307   5.205   0.50 15.55 ? 2  DC  A OP2   1 
ATOM   23  O  "O5'" . DC  A 1 2  ? -1.162  10.035  3.370   0.50 15.70 ? 2  DC  A "O5'" 1 
ATOM   24  C  "C5'" . DC  A 1 2  ? -1.534  11.234  2.712   0.50 16.63 ? 2  DC  A "C5'" 1 
ATOM   25  C  "C4'" . DC  A 1 2  ? -0.640  11.438  1.508   0.50 16.89 ? 2  DC  A "C4'" 1 
ATOM   26  O  "O4'" . DC  A 1 2  ? 0.715   11.455  2.003   0.50 17.44 ? 2  DC  A "O4'" 1 
ATOM   27  C  "C3'" . DC  A 1 2  ? -0.615  10.252  0.544   0.50 17.21 ? 2  DC  A "C3'" 1 
ATOM   28  O  "O3'" . DC  A 1 2  ? -1.668  10.313  -0.403  0.50 15.58 ? 2  DC  A "O3'" 1 
ATOM   29  C  "C2'" . DC  A 1 2  ? 0.717   10.423  -0.155  0.50 17.00 ? 2  DC  A "C2'" 1 
ATOM   30  C  "C1'" . DC  A 1 2  ? 1.601   10.906  0.996   0.50 17.94 ? 2  DC  A "C1'" 1 
ATOM   31  N  N1    . DC  A 1 2  ? 2.390   9.790   1.586   0.50 16.07 ? 2  DC  A N1    1 
ATOM   32  C  C2    . DC  A 1 2  ? 3.561   9.395   0.924   0.50 15.90 ? 2  DC  A C2    1 
ATOM   33  O  O2    . DC  A 1 2  ? 3.839   9.948   -0.152  0.50 16.45 ? 2  DC  A O2    1 
ATOM   34  N  N3    . DC  A 1 2  ? 4.328   8.429   1.458   0.50 14.99 ? 2  DC  A N3    1 
ATOM   35  C  C4    . DC  A 1 2  ? 3.957   7.834   2.603   0.50 16.51 ? 2  DC  A C4    1 
ATOM   36  N  N4    . DC  A 1 2  ? 4.767   6.892   3.149   0.50 13.33 ? 2  DC  A N4    1 
ATOM   37  C  C5    . DC  A 1 2  ? 2.743   8.181   3.272   0.50 16.77 ? 2  DC  A C5    1 
ATOM   38  C  C6    . DC  A 1 2  ? 2.005   9.169   2.732   0.50 17.44 ? 2  DC  A C6    1 
ATOM   39  P  P     . DG  A 1 3  ? -2.104  8.955   -1.117  0.50 21.11 ? 3  DG  A P     1 
ATOM   40  O  OP1   . DG  A 1 3  ? -3.385  9.224   -1.809  0.50 21.98 ? 3  DG  A OP1   1 
ATOM   41  O  OP2   . DG  A 1 3  ? -2.008  7.860   -0.099  0.50 21.25 ? 3  DG  A OP2   1 
ATOM   42  O  "O5'" . DG  A 1 3  ? -0.919  8.680   -2.143  0.50 18.87 ? 3  DG  A "O5'" 1 
ATOM   43  C  "C5'" . DG  A 1 3  ? -0.770  9.478   -3.312  0.50 18.49 ? 3  DG  A "C5'" 1 
ATOM   44  C  "C4'" . DG  A 1 3  ? 0.492   9.075   -4.029  0.50 18.16 ? 3  DG  A "C4'" 1 
ATOM   45  O  "O4'" . DG  A 1 3  ? 1.561   9.101   -3.054  0.50 17.90 ? 3  DG  A "O4'" 1 
ATOM   46  C  "C3'" . DG  A 1 3  ? 0.498   7.627   -4.507  0.50 18.90 ? 3  DG  A "C3'" 1 
ATOM   47  O  "O3'" . DG  A 1 3  ? -0.177  7.442   -5.775  0.50 18.50 ? 3  DG  A "O3'" 1 
ATOM   48  C  "C2'" . DG  A 1 3  ? 1.970   7.338   -4.587  0.50 18.85 ? 3  DG  A "C2'" 1 
ATOM   49  C  "C1'" . DG  A 1 3  ? 2.501   8.073   -3.361  0.50 17.91 ? 3  DG  A "C1'" 1 
ATOM   50  N  N9    . DG  A 1 3  ? 2.651   7.191   -2.198  0.50 16.95 ? 3  DG  A N9    1 
ATOM   51  C  C8    . DG  A 1 3  ? 1.810   7.010   -1.119  0.50 18.43 ? 3  DG  A C8    1 
ATOM   52  N  N7    . DG  A 1 3  ? 2.284   6.163   -0.230  0.50 16.55 ? 3  DG  A N7    1 
ATOM   53  C  C5    . DG  A 1 3  ? 3.510   5.779   -0.767  0.50 17.80 ? 3  DG  A C5    1 
ATOM   54  C  C6    . DG  A 1 3  ? 4.512   4.893   -0.255  0.50 15.83 ? 3  DG  A C6    1 
ATOM   55  O  O6    . DG  A 1 3  ? 4.527   4.288   0.829   0.50 16.76 ? 3  DG  A O6    1 
ATOM   56  N  N1    . DG  A 1 3  ? 5.558   4.751   -1.134  0.50 15.82 ? 3  DG  A N1    1 
ATOM   57  C  C2    . DG  A 1 3  ? 5.670   5.384   -2.352  0.50 16.58 ? 3  DG  A C2    1 
ATOM   58  N  N2    . DG  A 1 3  ? 6.781   5.100   -3.054  0.50 15.97 ? 3  DG  A N2    1 
ATOM   59  N  N3    . DG  A 1 3  ? 4.774   6.229   -2.833  0.50 16.28 ? 3  DG  A N3    1 
ATOM   60  C  C4    . DG  A 1 3  ? 3.728   6.381   -1.988  0.50 16.37 ? 3  DG  A C4    1 
ATOM   61  P  P     . DT  A 1 4  ? -0.801  5.997   -6.113  0.50 18.95 ? 4  DT  A P     1 
ATOM   62  O  OP1   . DT  A 1 4  ? -1.615  6.158   -7.347  0.50 18.65 ? 4  DT  A OP1   1 
ATOM   63  O  OP2   . DT  A 1 4  ? -1.379  5.371   -4.910  0.50 17.23 ? 4  DT  A OP2   1 
ATOM   64  O  "O5'" . DT  A 1 4  ? 0.462   5.112   -6.460  0.50 13.56 ? 4  DT  A "O5'" 1 
ATOM   65  C  "C5'" . DT  A 1 4  ? 1.213   5.374   -7.654  0.50 16.94 ? 4  DT  A "C5'" 1 
ATOM   66  C  "C4'" . DT  A 1 4  ? 2.421   4.477   -7.728  0.50 16.48 ? 4  DT  A "C4'" 1 
ATOM   67  O  "O4'" . DT  A 1 4  ? 3.299   4.758   -6.642  0.50 15.72 ? 4  DT  A "O4'" 1 
ATOM   68  C  "C3'" . DT  A 1 4  ? 2.186   2.979   -7.633  0.50 15.33 ? 4  DT  A "C3'" 1 
ATOM   69  O  "O3'" . DT  A 1 4  ? 1.712   2.492   -8.896  0.50 14.71 ? 4  DT  A "O3'" 1 
ATOM   70  C  "C2'" . DT  A 1 4  ? 3.590   2.475   -7.344  0.50 14.04 ? 4  DT  A "C2'" 1 
ATOM   71  C  "C1'" . DT  A 1 4  ? 4.107   3.594   -6.406  0.50 17.64 ? 4  DT  A "C1'" 1 
ATOM   72  N  N1    . DT  A 1 4  ? 3.870   3.236   -5.042  0.50 16.92 ? 4  DT  A N1    1 
ATOM   73  C  C2    . DT  A 1 4  ? 4.829   2.550   -4.363  0.50 15.33 ? 4  DT  A C2    1 
ATOM   74  O  O2    . DT  A 1 4  ? 5.881   2.231   -4.863  0.50 18.14 ? 4  DT  A O2    1 
ATOM   75  N  N3    . DT  A 1 4  ? 4.520   2.278   -3.067  0.50 14.76 ? 4  DT  A N3    1 
ATOM   76  C  C4    . DT  A 1 4  ? 3.407   2.656   -2.385  0.50 14.38 ? 4  DT  A C4    1 
ATOM   77  O  O4    . DT  A 1 4  ? 3.317   2.414   -1.181  0.50 15.10 ? 4  DT  A O4    1 
ATOM   78  C  C5    . DT  A 1 4  ? 2.409   3.368   -3.185  0.50 15.76 ? 4  DT  A C5    1 
ATOM   79  C  C7    . DT  A 1 4  ? 1.135   3.771   -2.568  0.50 10.71 ? 4  DT  A C7    1 
ATOM   80  C  C6    . DT  A 1 4  ? 2.695   3.607   -4.465  0.50 16.41 ? 4  DT  A C6    1 
ATOM   81  P  P     . DG  A 1 5  ? 0.928   1.100   -8.971  0.50 16.45 ? 5  DG  A P     1 
ATOM   82  O  OP1   . DG  A 1 5  ? 0.491   1.043   -10.393 0.50 12.14 ? 5  DG  A OP1   1 
ATOM   83  O  OP2   . DG  A 1 5  ? -0.036  0.992   -7.913  0.50 11.61 ? 5  DG  A OP2   1 
ATOM   84  O  "O5'" . DG  A 1 5  ? 2.065   -0.010  -8.766  0.50 15.71 ? 5  DG  A "O5'" 1 
ATOM   85  C  "C5'" . DG  A 1 5  ? 3.236   -0.023  -9.588  0.50 17.77 ? 5  DG  A "C5'" 1 
ATOM   86  C  "C4'" . DG  A 1 5  ? 4.216   -1.089  -9.126  0.50 17.87 ? 5  DG  A "C4'" 1 
ATOM   87  O  "O4'" . DG  A 1 5  ? 5.033   -0.615  -8.041  0.50 16.05 ? 5  DG  A "O4'" 1 
ATOM   88  C  "C3'" . DG  A 1 5  ? 3.598   -2.367  -8.585  0.50 18.90 ? 5  DG  A "C3'" 1 
ATOM   89  O  "O3'" . DG  A 1 5  ? 3.269   -3.255  -9.626  0.50 22.62 ? 5  DG  A "O3'" 1 
ATOM   90  C  "C2'" . DG  A 1 5  ? 4.710   -2.959  -7.732  0.50 14.73 ? 5  DG  A "C2'" 1 
ATOM   91  C  "C1'" . DG  A 1 5  ? 5.231   -1.698  -7.080  0.50 15.41 ? 5  DG  A "C1'" 1 
ATOM   92  N  N9    . DG  A 1 5  ? 4.408   -1.398  -5.921  0.50 11.71 ? 5  DG  A N9    1 
ATOM   93  C  C8    . DG  A 1 5  ? 3.407   -0.462  -5.850  0.50 9.88  ? 5  DG  A C8    1 
ATOM   94  N  N7    . DG  A 1 5  ? 2.883   -0.377  -4.654  0.50 10.58 ? 5  DG  A N7    1 
ATOM   95  C  C5    . DG  A 1 5  ? 3.561   -1.334  -3.901  0.50 10.88 ? 5  DG  A C5    1 
ATOM   96  C  C6    . DG  A 1 5  ? 3.447   -1.690  -2.541  0.50 9.15  ? 5  DG  A C6    1 
ATOM   97  O  O6    . DG  A 1 5  ? 2.739   -1.197  -1.666  0.50 11.85 ? 5  DG  A O6    1 
ATOM   98  N  N1    . DG  A 1 5  ? 4.320   -2.730  -2.215  0.50 11.32 ? 5  DG  A N1    1 
ATOM   99  C  C2    . DG  A 1 5  ? 5.192   -3.344  -3.097  0.50 10.24 ? 5  DG  A C2    1 
ATOM   100 N  N2    . DG  A 1 5  ? 5.885   -4.376  -2.632  0.50 4.99  ? 5  DG  A N2    1 
ATOM   101 N  N3    . DG  A 1 5  ? 5.335   -2.993  -4.329  0.50 13.49 ? 5  DG  A N3    1 
ATOM   102 C  C4    . DG  A 1 5  ? 4.486   -1.991  -4.677  0.50 10.58 ? 5  DG  A C4    1 
ATOM   103 P  P     . DG  A 1 6  ? 2.035   -4.224  -9.428  0.50 22.38 ? 6  DG  A P     1 
ATOM   104 O  OP1   . DG  A 1 6  ? 1.929   -5.049  -10.649 0.50 23.86 ? 6  DG  A OP1   1 
ATOM   105 O  OP2   . DG  A 1 6  ? 0.860   -3.425  -8.970  0.50 23.72 ? 6  DG  A OP2   1 
ATOM   106 O  "O5'" . DG  A 1 6  ? 2.504   -5.165  -8.262  0.50 19.17 ? 6  DG  A "O5'" 1 
ATOM   107 C  "C5'" . DG  A 1 6  ? 3.378   -6.251  -8.542  0.50 20.33 ? 6  DG  A "C5'" 1 
ATOM   108 C  "C4'" . DG  A 1 6  ? 3.509   -7.092  -7.301  0.50 22.08 ? 6  DG  A "C4'" 1 
ATOM   109 O  "O4'" . DG  A 1 6  ? 4.017   -6.184  -6.311  0.50 21.38 ? 6  DG  A "O4'" 1 
ATOM   110 C  "C3'" . DG  A 1 6  ? 2.217   -7.607  -6.681  0.50 20.15 ? 6  DG  A "C3'" 1 
ATOM   111 O  "O3'" . DG  A 1 6  ? 1.810   -8.875  -7.239  0.50 23.82 ? 6  DG  A "O3'" 1 
ATOM   112 C  "C2'" . DG  A 1 6  ? 2.689   -7.839  -5.274  0.50 21.35 ? 6  DG  A "C2'" 1 
ATOM   113 C  "C1'" . DG  A 1 6  ? 3.514   -6.585  -5.062  0.50 21.82 ? 6  DG  A "C1'" 1 
ATOM   114 N  N9    . DG  A 1 6  ? 2.664   -5.528  -4.530  0.50 22.05 ? 6  DG  A N9    1 
ATOM   115 C  C8    . DG  A 1 6  ? 2.106   -4.400  -5.085  0.50 23.12 ? 6  DG  A C8    1 
ATOM   116 N  N7    . DG  A 1 6  ? 1.367   -3.726  -4.232  0.50 20.34 ? 6  DG  A N7    1 
ATOM   117 C  C5    . DG  A 1 6  ? 1.473   -4.470  -3.070  0.50 21.97 ? 6  DG  A C5    1 
ATOM   118 C  C6    . DG  A 1 6  ? 0.932   -4.292  -1.785  0.50 23.04 ? 6  DG  A C6    1 
ATOM   119 O  O6    . DG  A 1 6  ? 0.156   -3.407  -1.353  0.50 18.87 ? 6  DG  A O6    1 
ATOM   120 N  N1    . DG  A 1 6  ? 1.375   -5.299  -0.938  0.50 23.51 ? 6  DG  A N1    1 
ATOM   121 C  C2    . DG  A 1 6  ? 2.221   -6.323  -1.289  0.50 24.59 ? 6  DG  A C2    1 
ATOM   122 N  N2    . DG  A 1 6  ? 2.639   -7.121  -0.357  0.50 23.19 ? 6  DG  A N2    1 
ATOM   123 N  N3    . DG  A 1 6  ? 2.650   -6.523  -2.446  0.50 23.57 ? 6  DG  A N3    1 
ATOM   124 C  C4    . DG  A 1 6  ? 2.275   -5.574  -3.276  0.50 22.81 ? 6  DG  A C4    1 
ATOM   125 P  P     . DG  A 1 7  ? 0.259   -9.324  -7.148  0.50 22.64 ? 7  DG  A P     1 
ATOM   126 O  OP1   . DG  A 1 7  ? 0.157   -10.448 -8.114  0.50 25.09 ? 7  DG  A OP1   1 
ATOM   127 O  OP2   . DG  A 1 7  ? -0.602  -8.123  -7.295  0.50 21.16 ? 7  DG  A OP2   1 
ATOM   128 O  "O5'" . DG  A 1 7  ? -0.020  -9.850  -5.626  0.50 23.93 ? 7  DG  A "O5'" 1 
ATOM   129 C  "C5'" . DG  A 1 7  ? 0.835   -10.793 -4.934  0.50 22.91 ? 7  DG  A "C5'" 1 
ATOM   130 C  "C4'" . DG  A 1 7  ? 0.416   -10.991 -3.475  0.50 18.99 ? 7  DG  A "C4'" 1 
ATOM   131 O  "O4'" . DG  A 1 7  ? 0.750   -9.828  -2.668  0.50 18.73 ? 7  DG  A "O4'" 1 
ATOM   132 C  "C3'" . DG  A 1 7  ? -1.071  -11.240 -3.173  0.50 19.13 ? 7  DG  A "C3'" 1 
ATOM   133 O  "O3'" . DG  A 1 7  ? -1.456  -12.623 -3.349  0.50 17.88 ? 7  DG  A "O3'" 1 
ATOM   134 C  "C2'" . DG  A 1 7  ? -1.204  -10.780 -1.720  0.50 14.98 ? 7  DG  A "C2'" 1 
ATOM   135 C  "C1'" . DG  A 1 7  ? -0.238  -9.585  -1.670  0.50 13.88 ? 7  DG  A "C1'" 1 
ATOM   136 N  N9    . DG  A 1 7  ? -0.845  -8.262  -1.892  0.50 12.80 ? 7  DG  A N9    1 
ATOM   137 C  C8    . DG  A 1 7  ? -0.947  -7.551  -3.058  0.50 12.12 ? 7  DG  A C8    1 
ATOM   138 N  N7    . DG  A 1 7  ? -1.514  -6.370  -2.898  0.50 10.98 ? 7  DG  A N7    1 
ATOM   139 C  C5    . DG  A 1 7  ? -1.837  -6.317  -1.520  0.50 9.29  ? 7  DG  A C5    1 
ATOM   140 C  C6    . DG  A 1 7  ? -2.522  -5.274  -0.732  0.50 8.63  ? 7  DG  A C6    1 
ATOM   141 O  O6    . DG  A 1 7  ? -2.926  -4.096  -1.101  0.50 8.09  ? 7  DG  A O6    1 
ATOM   142 N  N1    . DG  A 1 7  ? -2.681  -5.664  0.604   0.50 8.32  ? 7  DG  A N1    1 
ATOM   143 C  C2    . DG  A 1 7  ? -2.267  -6.857  1.136   0.50 10.08 ? 7  DG  A C2    1 
ATOM   144 N  N2    . DG  A 1 7  ? -2.526  -6.998  2.407   0.50 9.97  ? 7  DG  A N2    1 
ATOM   145 N  N3    . DG  A 1 7  ? -1.630  -7.839  0.427   0.50 9.33  ? 7  DG  A N3    1 
ATOM   146 C  C4    . DG  A 1 7  ? -1.446  -7.474  -0.890  0.50 9.45  ? 7  DG  A C4    1 
ATOM   147 P  P     . DC  A 1 8  ? -3.004  -13.030 -3.248  0.50 19.26 ? 8  DC  A P     1 
ATOM   148 O  OP1   . DC  A 1 8  ? -3.065  -14.538 -3.272  0.50 16.66 ? 8  DC  A OP1   1 
ATOM   149 O  OP2   . DC  A 1 8  ? -3.806  -12.206 -4.288  0.50 15.32 ? 8  DC  A OP2   1 
ATOM   150 O  "O5'" . DC  A 1 8  ? -3.501  -12.464 -1.850  0.50 18.60 ? 8  DC  A "O5'" 1 
ATOM   151 C  "C5'" . DC  A 1 8  ? -4.879  -12.086 -1.698  0.50 14.74 ? 8  DC  A "C5'" 1 
ATOM   152 C  "C4'" . DC  A 1 8  ? -5.145  -11.518 -0.328  0.50 14.23 ? 8  DC  A "C4'" 1 
ATOM   153 O  "O4'" . DC  A 1 8  ? -4.385  -10.313 -0.186  0.50 13.58 ? 8  DC  A "O4'" 1 
ATOM   154 C  "C3'" . DC  A 1 8  ? -6.579  -11.052 -0.096  0.50 12.59 ? 8  DC  A "C3'" 1 
ATOM   155 O  "O3'" . DC  A 1 8  ? -7.448  -12.108 0.322   0.50 12.33 ? 8  DC  A "O3'" 1 
ATOM   156 C  "C2'" . DC  A 1 8  ? -6.393  -10.051 1.026   0.50 13.19 ? 8  DC  A "C2'" 1 
ATOM   157 C  "C1'" . DC  A 1 8  ? -5.112  -9.353  0.567   0.50 11.84 ? 8  DC  A "C1'" 1 
ATOM   158 N  N1    . DC  A 1 8  ? -5.341  -8.156  -0.302  0.50 10.90 ? 8  DC  A N1    1 
ATOM   159 C  C2    . DC  A 1 8  ? -5.652  -6.944  0.312   0.50 12.16 ? 8  DC  A C2    1 
ATOM   160 O  O2    . DC  A 1 8  ? -5.772  -6.912  1.541   0.50 13.54 ? 8  DC  A O2    1 
ATOM   161 N  N3    . DC  A 1 8  ? -5.815  -5.829  -0.425  0.50 12.52 ? 8  DC  A N3    1 
ATOM   162 C  C4    . DC  A 1 8  ? -5.688  -5.865  -1.736  0.50 11.85 ? 8  DC  A C4    1 
ATOM   163 N  N4    . DC  A 1 8  ? -5.846  -4.718  -2.386  0.50 11.09 ? 8  DC  A N4    1 
ATOM   164 C  C5    . DC  A 1 8  ? -5.391  -7.089  -2.438  0.50 11.02 ? 8  DC  A C5    1 
ATOM   165 C  C6    . DC  A 1 8  ? -5.230  -8.217  -1.669  0.50 14.21 ? 8  DC  A C6    1 
ATOM   166 P  P     . DA  A 1 9  ? -9.051  -11.924 0.111   0.50 15.39 ? 9  DA  A P     1 
ATOM   167 O  OP1   . DA  A 1 9  ? -9.573  -13.213 0.490   0.50 13.87 ? 9  DA  A OP1   1 
ATOM   168 O  OP2   . DA  A 1 9  ? -9.231  -11.430 -1.276  0.50 15.13 ? 9  DA  A OP2   1 
ATOM   169 O  "O5'" . DA  A 1 9  ? -9.478  -10.810 1.163   0.50 14.90 ? 9  DA  A "O5'" 1 
ATOM   170 C  "C5'" . DA  A 1 9  ? -9.415  -11.055 2.572   0.50 14.32 ? 9  DA  A "C5'" 1 
ATOM   171 C  "C4'" . DA  A 1 9  ? -9.971  -9.885  3.353   0.50 15.06 ? 9  DA  A "C4'" 1 
ATOM   172 O  "O4'" . DA  A 1 9  ? -9.130  -8.726  3.215   0.50 15.81 ? 9  DA  A "O4'" 1 
ATOM   173 C  "C3'" . DA  A 1 9  ? -11.354 -9.423  2.904   0.50 14.92 ? 9  DA  A "C3'" 1 
ATOM   174 O  "O3'" . DA  A 1 9  ? -12.305 -10.171 3.627   0.50 18.34 ? 9  DA  A "O3'" 1 
ATOM   175 C  "C2'" . DA  A 1 9  ? -11.364 -7.965  3.363   0.50 17.77 ? 9  DA  A "C2'" 1 
ATOM   176 C  "C1'" . DA  A 1 9  ? -9.933  -7.543  3.086   0.50 13.99 ? 9  DA  A "C1'" 1 
ATOM   177 N  N9    . DA  A 1 9  ? -9.769  -7.062  1.724   0.50 17.57 ? 9  DA  A N9    1 
ATOM   178 C  C8    . DA  A 1 9  ? -9.510  -7.768  0.554   0.50 17.33 ? 9  DA  A C8    1 
ATOM   179 N  N7    . DA  A 1 9  ? -9.366  -6.985  -0.504  0.50 19.42 ? 9  DA  A N7    1 
ATOM   180 C  C5    . DA  A 1 9  ? -9.585  -5.697  0.004   0.50 18.13 ? 9  DA  A C5    1 
ATOM   181 C  C6    . DA  A 1 9  ? -9.612  -4.403  -0.608  0.50 18.91 ? 9  DA  A C6    1 
ATOM   182 N  N6    . DA  A 1 9  ? -9.382  -4.180  -1.906  0.50 17.73 ? 9  DA  A N6    1 
ATOM   183 N  N1    . DA  A 1 9  ? -9.886  -3.336  0.184   0.50 21.10 ? 9  DA  A N1    1 
ATOM   184 C  C2    . DA  A 1 9  ? -10.097 -3.543  1.495   0.50 20.67 ? 9  DA  A C2    1 
ATOM   185 N  N3    . DA  A 1 9  ? -10.084 -4.705  2.185   0.50 19.66 ? 9  DA  A N3    1 
ATOM   186 C  C4    . DA  A 1 9  ? -9.832  -5.742  1.365   0.50 17.82 ? 9  DA  A C4    1 
ATOM   187 P  P     . DC  A 1 10 ? -13.763 -10.492 2.982   0.50 22.03 ? 10 DC  A P     1 
ATOM   188 O  OP1   . DC  A 1 10 ? -14.522 -11.255 3.979   0.50 17.54 ? 10 DC  A OP1   1 
ATOM   189 O  OP2   . DC  A 1 10 ? -13.607 -11.012 1.599   0.50 22.83 ? 10 DC  A OP2   1 
ATOM   190 O  "O5'" . DC  A 1 10 ? -14.432 -9.074  2.845   0.50 23.52 ? 10 DC  A "O5'" 1 
ATOM   191 C  "C5'" . DC  A 1 10 ? -14.542 -8.198  3.944   0.50 28.39 ? 10 DC  A "C5'" 1 
ATOM   192 C  "C4'" . DC  A 1 10 ? -14.920 -6.831  3.425   0.50 31.22 ? 10 DC  A "C4'" 1 
ATOM   193 O  "O4'" . DC  A 1 10 ? -13.843 -6.254  2.650   0.50 32.87 ? 10 DC  A "O4'" 1 
ATOM   194 C  "C3'" . DC  A 1 10 ? -16.077 -6.865  2.428   0.50 31.67 ? 10 DC  A "C3'" 1 
ATOM   195 O  "O3'" . DC  A 1 10 ? -17.319 -7.087  3.129   0.50 32.17 ? 10 DC  A "O3'" 1 
ATOM   196 C  "C2'" . DC  A 1 10 ? -15.920 -5.518  1.731   0.50 32.38 ? 10 DC  A "C2'" 1 
ATOM   197 C  "C1'" . DC  A 1 10 ? -14.405 -5.281  1.761   0.50 32.48 ? 10 DC  A "C1'" 1 
ATOM   198 N  N1    . DC  A 1 10 ? -13.715 -5.340  0.445   0.50 31.67 ? 10 DC  A N1    1 
ATOM   199 C  C2    . DC  A 1 10 ? -13.416 -4.114  -0.181  0.50 30.94 ? 10 DC  A C2    1 
ATOM   200 O  O2    . DC  A 1 10 ? -13.812 -3.058  0.348   0.50 32.85 ? 10 DC  A O2    1 
ATOM   201 N  N3    . DC  A 1 10 ? -12.729 -4.100  -1.340  0.50 30.99 ? 10 DC  A N3    1 
ATOM   202 C  C4    . DC  A 1 10 ? -12.367 -5.243  -1.918  0.50 30.64 ? 10 DC  A C4    1 
ATOM   203 N  N4    . DC  A 1 10 ? -11.656 -5.147  -3.049  0.50 30.65 ? 10 DC  A N4    1 
ATOM   204 C  C5    . DC  A 1 10 ? -12.712 -6.528  -1.348  0.50 30.87 ? 10 DC  A C5    1 
ATOM   205 C  C6    . DC  A 1 10 ? -13.367 -6.525  -0.162  0.50 31.78 ? 10 DC  A C6    1 
ATOM   206 O  "O5'" . DG  B 2 1  ? -9.494  3.961   -6.431  0.50 25.18 ? 11 DG  B "O5'" 1 
ATOM   207 C  "C5'" . DG  B 2 1  ? -10.100 5.199   -6.028  0.50 24.59 ? 11 DG  B "C5'" 1 
ATOM   208 C  "C4'" . DG  B 2 1  ? -11.229 5.045   -5.040  0.50 22.86 ? 11 DG  B "C4'" 1 
ATOM   209 O  "O4'" . DG  B 2 1  ? -12.136 3.993   -5.448  0.50 24.03 ? 11 DG  B "O4'" 1 
ATOM   210 C  "C3'" . DG  B 2 1  ? -10.819 4.689   -3.613  0.50 25.59 ? 11 DG  B "C3'" 1 
ATOM   211 O  "O3'" . DG  B 2 1  ? -10.478 5.882   -2.873  0.50 25.09 ? 11 DG  B "O3'" 1 
ATOM   212 C  "C2'" . DG  B 2 1  ? -12.074 4.039   -3.065  0.50 23.86 ? 11 DG  B "C2'" 1 
ATOM   213 C  "C1'" . DG  B 2 1  ? -12.617 3.286   -4.289  0.50 23.36 ? 11 DG  B "C1'" 1 
ATOM   214 N  N9    . DG  B 2 1  ? -12.174 1.887   -4.401  0.50 22.44 ? 11 DG  B N9    1 
ATOM   215 C  C8    . DG  B 2 1  ? -11.546 1.319   -5.485  0.50 22.69 ? 11 DG  B C8    1 
ATOM   216 N  N7    . DG  B 2 1  ? -11.383 0.028   -5.362  0.50 20.93 ? 11 DG  B N7    1 
ATOM   217 C  C5    . DG  B 2 1  ? -11.867 -0.268  -4.093  0.50 20.68 ? 11 DG  B C5    1 
ATOM   218 C  C6    . DG  B 2 1  ? -11.933 -1.514  -3.396  0.50 21.11 ? 11 DG  B C6    1 
ATOM   219 O  O6    . DG  B 2 1  ? -11.563 -2.665  -3.784  0.50 22.04 ? 11 DG  B O6    1 
ATOM   220 N  N1    . DG  B 2 1  ? -12.495 -1.361  -2.139  0.50 20.98 ? 11 DG  B N1    1 
ATOM   221 C  C2    . DG  B 2 1  ? -12.958 -0.179  -1.606  0.50 20.87 ? 11 DG  B C2    1 
ATOM   222 N  N2    . DG  B 2 1  ? -13.433 -0.246  -0.340  0.50 17.46 ? 11 DG  B N2    1 
ATOM   223 N  N3    . DG  B 2 1  ? -12.938 0.976   -2.257  0.50 19.13 ? 11 DG  B N3    1 
ATOM   224 C  C4    . DG  B 2 1  ? -12.363 0.862   -3.481  0.50 20.48 ? 11 DG  B C4    1 
ATOM   225 P  P     . DT  B 2 2  ? -9.129  5.918   -1.999  0.50 27.09 ? 12 DT  B P     1 
ATOM   226 O  OP1   . DT  B 2 2  ? -8.844  7.363   -1.758  0.50 26.52 ? 12 DT  B OP1   1 
ATOM   227 O  OP2   . DT  B 2 2  ? -8.119  5.091   -2.706  0.50 25.12 ? 12 DT  B OP2   1 
ATOM   228 O  "O5'" . DT  B 2 2  ? -9.526  5.189   -0.653  0.50 23.72 ? 12 DT  B "O5'" 1 
ATOM   229 C  "C5'" . DT  B 2 2  ? -10.288 5.839   0.351   0.50 24.70 ? 12 DT  B "C5'" 1 
ATOM   230 C  "C4'" . DT  B 2 2  ? -10.766 4.815   1.352   0.50 22.99 ? 12 DT  B "C4'" 1 
ATOM   231 O  "O4'" . DT  B 2 2  ? -11.431 3.749   0.624   0.50 24.46 ? 12 DT  B "O4'" 1 
ATOM   232 C  "C3'" . DT  B 2 2  ? -9.649  4.069   2.087   0.50 25.28 ? 12 DT  B "C3'" 1 
ATOM   233 O  "O3'" . DT  B 2 2  ? -9.145  4.848   3.187   0.50 24.26 ? 12 DT  B "O3'" 1 
ATOM   234 C  "C2'" . DT  B 2 2  ? -10.389 2.820   2.547   0.50 21.99 ? 12 DT  B "C2'" 1 
ATOM   235 C  "C1'" . DT  B 2 2  ? -11.221 2.488   1.297   0.50 21.61 ? 12 DT  B "C1'" 1 
ATOM   236 N  N1    . DT  B 2 2  ? -10.527 1.547   0.337   0.50 22.05 ? 12 DT  B N1    1 
ATOM   237 C  C2    . DT  B 2 2  ? -10.593 0.199   0.616   0.50 21.28 ? 12 DT  B C2    1 
ATOM   238 O  O2    . DT  B 2 2  ? -11.103 -0.238  1.627   0.50 24.06 ? 12 DT  B O2    1 
ATOM   239 N  N3    . DT  B 2 2  ? -10.024 -0.612  -0.323  0.50 20.47 ? 12 DT  B N3    1 
ATOM   240 C  C4    . DT  B 2 2  ? -9.374  -0.237  -1.489  0.50 19.88 ? 12 DT  B C4    1 
ATOM   241 O  O4    . DT  B 2 2  ? -8.945  -1.104  -2.293  0.50 19.23 ? 12 DT  B O4    1 
ATOM   242 C  C5    . DT  B 2 2  ? -9.267  1.190   -1.688  0.50 19.80 ? 12 DT  B C5    1 
ATOM   243 C  C7    . DT  B 2 2  ? -8.498  1.697   -2.874  0.50 14.61 ? 12 DT  B C7    1 
ATOM   244 C  C6    . DT  B 2 2  ? -9.858  1.999   -0.782  0.50 19.53 ? 12 DT  B C6    1 
ATOM   245 P  P     . DG  B 2 3  ? -7.626  4.650   3.663   0.50 28.18 ? 13 DG  B P     1 
ATOM   246 O  OP1   . DG  B 2 3  ? -7.376  5.724   4.690   0.50 27.01 ? 13 DG  B OP1   1 
ATOM   247 O  OP2   . DG  B 2 3  ? -6.771  4.558   2.459   0.50 28.09 ? 13 DG  B OP2   1 
ATOM   248 O  "O5'" . DG  B 2 3  ? -7.599  3.207   4.347   0.50 25.48 ? 13 DG  B "O5'" 1 
ATOM   249 C  "C5'" . DG  B 2 3  ? -8.317  2.956   5.547   0.50 23.74 ? 13 DG  B "C5'" 1 
ATOM   250 C  "C4'" . DG  B 2 3  ? -8.383  1.470   5.828   0.50 22.08 ? 13 DG  B "C4'" 1 
ATOM   251 O  "O4'" . DG  B 2 3  ? -9.125  0.746   4.816   0.50 22.65 ? 13 DG  B "O4'" 1 
ATOM   252 C  "C3'" . DG  B 2 3  ? -7.062  0.713   5.906   0.50 20.35 ? 13 DG  B "C3'" 1 
ATOM   253 O  "O3'" . DG  B 2 3  ? -6.427  0.966   7.160   0.50 19.66 ? 13 DG  B "O3'" 1 
ATOM   254 C  "C2'" . DG  B 2 3  ? -7.568  -0.715  5.818   0.50 21.54 ? 13 DG  B "C2'" 1 
ATOM   255 C  "C1'" . DG  B 2 3  ? -8.626  -0.585  4.722   0.50 20.29 ? 13 DG  B "C1'" 1 
ATOM   256 N  N9    . DG  B 2 3  ? -8.046  -0.747  3.390   0.50 21.58 ? 13 DG  B N9    1 
ATOM   257 C  C8    . DG  B 2 3  ? -7.861  0.233   2.441   0.50 20.85 ? 13 DG  B C8    1 
ATOM   258 N  N7    . DG  B 2 3  ? -7.359  -0.221  1.326   0.50 20.34 ? 13 DG  B N7    1 
ATOM   259 C  C5    . DG  B 2 3  ? -7.192  -1.581  1.556   0.50 19.69 ? 13 DG  B C5    1 
ATOM   260 C  C6    . DG  B 2 3  ? -6.697  -2.601  0.695   0.50 17.62 ? 13 DG  B C6    1 
ATOM   261 O  O6    . DG  B 2 3  ? -6.338  -2.510  -0.472  0.50 18.35 ? 13 DG  B O6    1 
ATOM   262 N  N1    . DG  B 2 3  ? -6.675  -3.823  1.315   0.50 19.18 ? 13 DG  B N1    1 
ATOM   263 C  C2    . DG  B 2 3  ? -7.102  -4.067  2.595   0.50 19.12 ? 13 DG  B C2    1 
ATOM   264 N  N2    . DG  B 2 3  ? -7.011  -5.334  2.976   0.50 18.09 ? 13 DG  B N2    1 
ATOM   265 N  N3    . DG  B 2 3  ? -7.580  -3.141  3.414   0.50 18.75 ? 13 DG  B N3    1 
ATOM   266 C  C4    . DG  B 2 3  ? -7.593  -1.920  2.828   0.50 19.77 ? 13 DG  B C4    1 
ATOM   267 P  P     . DC  B 2 4  ? -4.827  0.782   7.316   0.50 20.62 ? 14 DC  B P     1 
ATOM   268 O  OP1   . DC  B 2 4  ? -4.695  1.252   8.735   0.50 17.47 ? 14 DC  B OP1   1 
ATOM   269 O  OP2   . DC  B 2 4  ? -4.026  1.428   6.255   0.50 18.81 ? 14 DC  B OP2   1 
ATOM   270 O  "O5'" . DC  B 2 4  ? -4.678  -0.793  7.255   0.50 17.92 ? 14 DC  B "O5'" 1 
ATOM   271 C  "C5'" . DC  B 2 4  ? -5.320  -1.617  8.231   0.50 15.67 ? 14 DC  B "C5'" 1 
ATOM   272 C  "C4'" . DC  B 2 4  ? -4.954  -3.063  8.003   0.50 14.97 ? 14 DC  B "C4'" 1 
ATOM   273 O  "O4'" . DC  B 2 4  ? -5.541  -3.509  6.752   0.50 17.04 ? 14 DC  B "O4'" 1 
ATOM   274 C  "C3'" . DC  B 2 4  ? -3.453  -3.305  7.815   0.50 15.21 ? 14 DC  B "C3'" 1 
ATOM   275 O  "O3'" . DC  B 2 4  ? -2.738  -3.437  9.048   0.50 14.87 ? 14 DC  B "O3'" 1 
ATOM   276 C  "C2'" . DC  B 2 4  ? -3.437  -4.598  7.031   0.50 13.14 ? 14 DC  B "C2'" 1 
ATOM   277 C  "C1'" . DC  B 2 4  ? -4.599  -4.318  6.047   0.50 13.71 ? 14 DC  B "C1'" 1 
ATOM   278 N  N1    . DC  B 2 4  ? -4.179  -3.556  4.849   0.50 15.49 ? 14 DC  B N1    1 
ATOM   279 C  C2    . DC  B 2 4  ? -3.692  -4.286  3.809   0.50 13.80 ? 14 DC  B C2    1 
ATOM   280 O  O2    . DC  B 2 4  ? -3.488  -5.459  4.004   0.50 15.76 ? 14 DC  B O2    1 
ATOM   281 N  N3    . DC  B 2 4  ? -3.422  -3.707  2.624   0.50 12.98 ? 14 DC  B N3    1 
ATOM   282 C  C4    . DC  B 2 4  ? -3.572  -2.409  2.460   0.50 15.03 ? 14 DC  B C4    1 
ATOM   283 N  N4    . DC  B 2 4  ? -3.281  -1.920  1.227   0.50 14.68 ? 14 DC  B N4    1 
ATOM   284 C  C5    . DC  B 2 4  ? -4.017  -1.552  3.547   0.50 15.30 ? 14 DC  B C5    1 
ATOM   285 C  C6    . DC  B 2 4  ? -4.302  -2.187  4.741   0.50 15.63 ? 14 DC  B C6    1 
ATOM   286 P  P     . DC  B 2 5  ? -1.161  -3.056  9.096   0.50 17.65 ? 15 DC  B P     1 
ATOM   287 O  OP1   . DC  B 2 5  ? -0.749  -3.207  10.526  0.50 19.19 ? 15 DC  B OP1   1 
ATOM   288 O  OP2   . DC  B 2 5  ? -0.768  -1.825  8.352   0.50 15.77 ? 15 DC  B OP2   1 
ATOM   289 O  "O5'" . DC  B 2 5  ? -0.435  -4.144  8.174   0.50 17.34 ? 15 DC  B "O5'" 1 
ATOM   290 C  "C5'" . DC  B 2 5  ? 0.123   -5.339  8.680   0.50 19.70 ? 15 DC  B "C5'" 1 
ATOM   291 C  "C4'" . DC  B 2 5  ? 0.690   -6.177  7.548   0.50 17.99 ? 15 DC  B "C4'" 1 
ATOM   292 O  "O4'" . DC  B 2 5  ? -0.247  -6.192  6.447   0.50 18.51 ? 15 DC  B "O4'" 1 
ATOM   293 C  "C3'" . DC  B 2 5  ? 1.968   -5.733  6.850   0.50 18.59 ? 15 DC  B "C3'" 1 
ATOM   294 O  "O3'" . DC  B 2 5  ? 3.134   -6.061  7.599   0.50 17.92 ? 15 DC  B "O3'" 1 
ATOM   295 C  "C2'" . DC  B 2 5  ? 1.936   -6.616  5.613   0.50 15.18 ? 15 DC  B "C2'" 1 
ATOM   296 C  "C1'" . DC  B 2 5  ? 0.466   -6.535  5.223   0.50 17.58 ? 15 DC  B "C1'" 1 
ATOM   297 N  N1    . DC  B 2 5  ? 0.268   -5.452  4.243   0.50 17.69 ? 15 DC  B N1    1 
ATOM   298 C  C2    . DC  B 2 5  ? 0.417   -5.721  2.857   0.50 17.74 ? 15 DC  B C2    1 
ATOM   299 O  O2    . DC  B 2 5  ? 0.748   -6.866  2.478   0.50 21.75 ? 15 DC  B O2    1 
ATOM   300 N  N3    . DC  B 2 5  ? 0.194   -4.730  1.961   0.50 17.89 ? 15 DC  B N3    1 
ATOM   301 C  C4    . DC  B 2 5  ? -0.153  -3.526  2.373   0.50 18.45 ? 15 DC  B C4    1 
ATOM   302 N  N4    . DC  B 2 5  ? -0.415  -2.592  1.426   0.50 19.19 ? 15 DC  B N4    1 
ATOM   303 C  C5    . DC  B 2 5  ? -0.266  -3.210  3.769   0.50 19.57 ? 15 DC  B C5    1 
ATOM   304 C  C6    . DC  B 2 5  ? -0.057  -4.192  4.661   0.50 17.21 ? 15 DC  B C6    1 
ATOM   305 P  P     . DC  B 2 6  ? 4.417   -5.145  7.479   0.50 20.20 ? 16 DC  B P     1 
ATOM   306 O  OP1   . DC  B 2 6  ? 5.278   -5.537  8.617   0.50 18.31 ? 16 DC  B OP1   1 
ATOM   307 O  OP2   . DC  B 2 6  ? 4.097   -3.692  7.275   0.50 17.42 ? 16 DC  B OP2   1 
ATOM   308 O  "O5'" . DC  B 2 6  ? 5.079   -5.630  6.135   0.50 15.49 ? 16 DC  B "O5'" 1 
ATOM   309 C  "C5'" . DC  B 2 6  ? 5.383   -7.015  5.946   0.50 16.45 ? 16 DC  B "C5'" 1 
ATOM   310 C  "C4'" . DC  B 2 6  ? 5.840   -7.269  4.524   0.50 14.35 ? 16 DC  B "C4'" 1 
ATOM   311 O  "O4'" . DC  B 2 6  ? 4.749   -7.154  3.623   0.50 13.00 ? 16 DC  B "O4'" 1 
ATOM   312 C  "C3'" . DC  B 2 6  ? 6.916   -6.389  3.939   0.50 15.21 ? 16 DC  B "C3'" 1 
ATOM   313 O  "O3'" . DC  B 2 6  ? 8.162   -7.000  4.270   0.50 17.32 ? 16 DC  B "O3'" 1 
ATOM   314 C  "C2'" . DC  B 2 6  ? 6.720   -6.586  2.445   0.50 11.56 ? 16 DC  B "C2'" 1 
ATOM   315 C  "C1'" . DC  B 2 6  ? 5.211   -6.707  2.350   0.50 11.83 ? 16 DC  B "C1'" 1 
ATOM   316 N  N1    . DC  B 2 6  ? 4.591   -5.407  2.082   0.50 9.20  ? 16 DC  B N1    1 
ATOM   317 C  C2    . DC  B 2 6  ? 4.616   -4.928  0.778   0.50 10.23 ? 16 DC  B C2    1 
ATOM   318 O  O2    . DC  B 2 6  ? 5.274   -5.547  -0.079  0.50 10.00 ? 16 DC  B O2    1 
ATOM   319 N  N3    . DC  B 2 6  ? 3.957   -3.791  0.476   0.50 7.49  ? 16 DC  B N3    1 
ATOM   320 C  C4    . DC  B 2 6  ? 3.349   -3.078  1.428   0.50 8.26  ? 16 DC  B C4    1 
ATOM   321 N  N4    . DC  B 2 6  ? 2.722   -1.906  1.035   0.50 6.83  ? 16 DC  B N4    1 
ATOM   322 C  C5    . DC  B 2 6  ? 3.347   -3.502  2.796   0.50 3.53  ? 16 DC  B C5    1 
ATOM   323 C  C6    . DC  B 2 6  ? 3.974   -4.685  3.073   0.50 10.94 ? 16 DC  B C6    1 
ATOM   324 P  P     . DA  B 2 7  ? 9.358   -6.095  4.758   0.50 21.04 ? 17 DA  B P     1 
ATOM   325 O  OP1   . DA  B 2 7  ? 10.548  -6.935  5.132   0.50 15.73 ? 17 DA  B OP1   1 
ATOM   326 O  OP2   . DA  B 2 7  ? 8.796   -5.115  5.696   0.50 14.38 ? 17 DA  B OP2   1 
ATOM   327 O  "O5'" . DA  B 2 7  ? 9.728   -5.231  3.483   0.50 22.58 ? 17 DA  B "O5'" 1 
ATOM   328 C  "C5'" . DA  B 2 7  ? 10.038  -5.831  2.276   0.50 26.41 ? 17 DA  B "C5'" 1 
ATOM   329 C  "C4'" . DA  B 2 7  ? 9.897   -4.804  1.188   0.50 26.95 ? 17 DA  B "C4'" 1 
ATOM   330 O  "O4'" . DA  B 2 7  ? 8.521   -4.364  1.144   0.50 24.55 ? 17 DA  B "O4'" 1 
ATOM   331 C  "C3'" . DA  B 2 7  ? 10.656  -3.493  1.369   0.50 26.30 ? 17 DA  B "C3'" 1 
ATOM   332 O  "O3'" . DA  B 2 7  ? 12.018  -3.658  0.975   0.50 28.87 ? 17 DA  B "O3'" 1 
ATOM   333 C  "C2'" . DA  B 2 7  ? 9.950   -2.645  0.327   0.50 25.89 ? 17 DA  B "C2'" 1 
ATOM   334 C  "C1'" . DA  B 2 7  ? 8.539   -3.283  0.249   0.50 25.32 ? 17 DA  B "C1'" 1 
ATOM   335 N  N9    . DA  B 2 7  ? 7.463   -2.374  0.584   0.50 25.40 ? 17 DA  B N9    1 
ATOM   336 C  C8    . DA  B 2 7  ? 6.808   -2.142  1.772   0.50 25.53 ? 17 DA  B C8    1 
ATOM   337 N  N7    . DA  B 2 7  ? 5.924   -1.186  1.697   0.50 26.15 ? 17 DA  B N7    1 
ATOM   338 C  C5    . DA  B 2 7  ? 6.016   -0.752  0.373   0.50 26.30 ? 17 DA  B C5    1 
ATOM   339 C  C6    . DA  B 2 7  ? 5.383   0.277   -0.319  0.50 26.90 ? 17 DA  B C6    1 
ATOM   340 N  N6    . DA  B 2 7  ? 4.477   1.077   0.258   0.50 25.52 ? 17 DA  B N6    1 
ATOM   341 N  N1    . DA  B 2 7  ? 5.703   0.460   -1.630  0.50 26.65 ? 17 DA  B N1    1 
ATOM   342 C  C2    . DA  B 2 7  ? 6.597   -0.350  -2.186  0.50 27.53 ? 17 DA  B C2    1 
ATOM   343 N  N3    . DA  B 2 7  ? 7.273   -1.369  -1.625  0.50 27.58 ? 17 DA  B N3    1 
ATOM   344 C  C4    . DA  B 2 7  ? 6.928   -1.502  -0.327  0.50 25.07 ? 17 DA  B C4    1 
ATOM   345 P  P     . DC  B 2 8  ? 13.152  -2.720  1.607   0.50 30.63 ? 18 DC  B P     1 
ATOM   346 O  OP1   . DC  B 2 8  ? 14.325  -3.638  1.783   0.50 28.64 ? 18 DC  B OP1   1 
ATOM   347 O  OP2   . DC  B 2 8  ? 12.607  -1.926  2.735   0.50 25.77 ? 18 DC  B OP2   1 
ATOM   348 O  "O5'" . DC  B 2 8  ? 13.431  -1.631  0.497   0.50 28.84 ? 18 DC  B "O5'" 1 
ATOM   349 C  "C5'" . DC  B 2 8  ? 12.608  -0.486  0.473   0.50 23.56 ? 18 DC  B "C5'" 1 
ATOM   350 C  "C4'" . DC  B 2 8  ? 12.481  0.036   -0.926  0.50 22.40 ? 18 DC  B "C4'" 1 
ATOM   351 O  "O4'" . DC  B 2 8  ? 11.121  -0.203  -1.336  0.50 21.97 ? 18 DC  B "O4'" 1 
ATOM   352 C  "C3'" . DC  B 2 8  ? 12.648  1.554   -0.947  0.50 19.94 ? 18 DC  B "C3'" 1 
ATOM   353 O  "O3'" . DC  B 2 8  ? 14.020  1.877   -1.226  0.50 19.01 ? 18 DC  B "O3'" 1 
ATOM   354 C  "C2'" . DC  B 2 8  ? 11.693  1.961   -2.051  0.50 21.28 ? 18 DC  B "C2'" 1 
ATOM   355 C  "C1'" . DC  B 2 8  ? 10.530  0.993   -1.808  0.50 20.58 ? 18 DC  B "C1'" 1 
ATOM   356 N  N1    . DC  B 2 8  ? 9.544   1.432   -0.776  0.50 20.75 ? 18 DC  B N1    1 
ATOM   357 C  C2    . DC  B 2 8  ? 8.692   2.492   -1.065  0.50 20.99 ? 18 DC  B C2    1 
ATOM   358 O  O2    . DC  B 2 8  ? 8.818   3.072   -2.141  0.50 21.88 ? 18 DC  B O2    1 
ATOM   359 N  N3    . DC  B 2 8  ? 7.757   2.878   -0.160  0.50 21.17 ? 18 DC  B N3    1 
ATOM   360 C  C4    . DC  B 2 8  ? 7.676   2.271   1.016   0.50 20.84 ? 18 DC  B C4    1 
ATOM   361 N  N4    . DC  B 2 8  ? 6.750   2.712   1.861   0.50 20.67 ? 18 DC  B N4    1 
ATOM   362 C  C5    . DC  B 2 8  ? 8.549   1.184   1.373   0.50 20.59 ? 18 DC  B C5    1 
ATOM   363 C  C6    . DC  B 2 8  ? 9.462   0.796   0.442   0.50 22.23 ? 18 DC  B C6    1 
ATOM   364 P  P     . DG  B 2 9  ? 14.627  3.282   -0.713  0.50 19.28 ? 19 DG  B P     1 
ATOM   365 O  OP1   . DG  B 2 9  ? 16.044  3.293   -1.113  0.50 18.65 ? 19 DG  B OP1   1 
ATOM   366 O  OP2   . DG  B 2 9  ? 14.247  3.475   0.703   0.50 19.35 ? 19 DG  B OP2   1 
ATOM   367 O  "O5'" . DG  B 2 9  ? 13.777  4.391   -1.479  0.50 16.38 ? 19 DG  B "O5'" 1 
ATOM   368 C  "C5'" . DG  B 2 9  ? 13.887  4.597   -2.881  0.50 17.41 ? 19 DG  B "C5'" 1 
ATOM   369 C  "C4'" . DG  B 2 9  ? 12.915  5.662   -3.321  0.50 16.12 ? 19 DG  B "C4'" 1 
ATOM   370 O  "O4'" . DG  B 2 9  ? 11.554  5.232   -3.147  0.50 15.25 ? 19 DG  B "O4'" 1 
ATOM   371 C  "C3'" . DG  B 2 9  ? 13.001  6.940   -2.485  0.50 13.73 ? 19 DG  B "C3'" 1 
ATOM   372 O  "O3'" . DG  B 2 9  ? 14.004  7.752   -3.030  0.50 13.46 ? 19 DG  B "O3'" 1 
ATOM   373 C  "C2'" . DG  B 2 9  ? 11.669  7.577   -2.738  0.50 16.45 ? 19 DG  B "C2'" 1 
ATOM   374 C  "C1'" . DG  B 2 9  ? 10.746  6.383   -2.829  0.50 14.13 ? 19 DG  B "C1'" 1 
ATOM   375 N  N9    . DG  B 2 9  ? 10.143  6.168   -1.529  0.50 13.38 ? 19 DG  B N9    1 
ATOM   376 C  C8    . DG  B 2 9  ? 10.582  5.342   -0.509  0.50 10.75 ? 19 DG  B C8    1 
ATOM   377 N  N7    . DG  B 2 9  ? 9.739   5.310   0.503   0.50 8.55  ? 19 DG  B N7    1 
ATOM   378 C  C5    . DG  B 2 9  ? 8.721   6.205   0.139   0.50 9.91  ? 19 DG  B C5    1 
ATOM   379 C  C6    . DG  B 2 9  ? 7.524   6.600   0.857   0.50 9.33  ? 19 DG  B C6    1 
ATOM   380 O  O6    . DG  B 2 9  ? 7.079   6.134   1.917   0.50 7.31  ? 19 DG  B O6    1 
ATOM   381 N  N1    . DG  B 2 9  ? 6.808   7.587   0.170   0.50 13.25 ? 19 DG  B N1    1 
ATOM   382 C  C2    . DG  B 2 9  ? 7.138   8.084   -1.076  0.50 12.67 ? 19 DG  B C2    1 
ATOM   383 N  N2    . DG  B 2 9  ? 6.298   9.044   -1.573  0.50 11.41 ? 19 DG  B N2    1 
ATOM   384 N  N3    . DG  B 2 9  ? 8.224   7.666   -1.785  0.50 11.98 ? 19 DG  B N3    1 
ATOM   385 C  C4    . DG  B 2 9  ? 8.965   6.750   -1.097  0.50 10.01 ? 19 DG  B C4    1 
ATOM   386 P  P     . DC  B 2 10 ? 14.855  8.738   -2.080  0.50 18.43 ? 20 DC  B P     1 
ATOM   387 O  OP1   . DC  B 2 10 ? 15.987  9.224   -2.926  0.50 13.67 ? 20 DC  B OP1   1 
ATOM   388 O  OP2   . DC  B 2 10 ? 15.137  8.099   -0.761  0.50 11.98 ? 20 DC  B OP2   1 
ATOM   389 O  "O5'" . DC  B 2 10 ? 13.863  9.953   -1.823  0.50 17.11 ? 20 DC  B "O5'" 1 
ATOM   390 C  "C5'" . DC  B 2 10 ? 13.542  10.872  -2.869  0.50 20.15 ? 20 DC  B "C5'" 1 
ATOM   391 C  "C4'" . DC  B 2 10 ? 12.285  11.662  -2.544  0.50 19.48 ? 20 DC  B "C4'" 1 
ATOM   392 O  "O4'" . DC  B 2 10 ? 11.089  10.834  -2.471  0.50 18.04 ? 20 DC  B "O4'" 1 
ATOM   393 C  "C3'" . DC  B 2 10 ? 12.251  12.495  -1.271  0.50 19.11 ? 20 DC  B "C3'" 1 
ATOM   394 O  "O3'" . DC  B 2 10 ? 13.014  13.738  -1.388  0.50 22.46 ? 20 DC  B "O3'" 1 
ATOM   395 C  "C2'" . DC  B 2 10 ? 10.747  12.748  -1.119  0.50 17.27 ? 20 DC  B "C2'" 1 
ATOM   396 C  "C1'" . DC  B 2 10 ? 10.171  11.372  -1.488  0.50 15.30 ? 20 DC  B "C1'" 1 
ATOM   397 N  N1    . DC  B 2 10 ? 10.155  10.467  -0.284  0.50 12.47 ? 20 DC  B N1    1 
ATOM   398 C  C2    . DC  B 2 10 ? 8.981   10.485  0.539   0.50 10.72 ? 20 DC  B C2    1 
ATOM   399 O  O2    . DC  B 2 10 ? 8.035   11.264  0.240   0.50 14.00 ? 20 DC  B O2    1 
ATOM   400 N  N3    . DC  B 2 10 ? 8.893   9.684   1.611   0.50 7.73  ? 20 DC  B N3    1 
ATOM   401 C  C4    . DC  B 2 10 ? 9.904   8.886   1.936   0.50 7.93  ? 20 DC  B C4    1 
ATOM   402 N  N4    . DC  B 2 10 ? 9.703   8.080   2.946   0.50 6.30  ? 20 DC  B N4    1 
ATOM   403 C  C5    . DC  B 2 10 ? 11.169  8.888   1.179   0.50 8.91  ? 20 DC  B C5    1 
ATOM   404 C  C6    . DC  B 2 10 ? 11.219  9.669   0.058   0.50 12.37 ? 20 DC  B C6    1 
HETATM 405 MG MG    . MG  C 3 .  ? -7.302  9.194   5.563   1.00 35.48 ? 50 MG  B MG    1 
HETATM 406 O  O     . HOH D 4 .  ? -5.781  -8.478  3.802   1.00 23.87 ? 21 HOH A O     1 
HETATM 407 O  O     . HOH D 4 .  ? 4.444   14.431  1.546   1.00 30.83 ? 26 HOH A O     1 
HETATM 408 O  O     . HOH D 4 .  ? -11.149 -7.587  -4.265  1.00 30.32 ? 28 HOH A O     1 
HETATM 409 O  O     . HOH D 4 .  ? 1.074   5.542   1.712   1.00 29.75 ? 29 HOH A O     1 
HETATM 410 O  O     . HOH D 4 .  ? 7.738   5.547   -5.764  1.00 34.80 ? 31 HOH A O     1 
HETATM 411 O  O     . HOH D 4 .  ? -3.581  -7.955  -6.379  1.00 44.57 ? 35 HOH A O     1 
HETATM 412 O  O     . HOH D 4 .  ? -15.732 -1.985  2.425   1.00 30.23 ? 37 HOH A O     1 
HETATM 413 O  O     . HOH D 4 .  ? -6.603  -13.286 3.237   1.00 33.86 ? 41 HOH A O     1 
HETATM 414 O  O     . HOH D 4 .  ? -0.609  2.456   -5.478  1.00 35.47 ? 43 HOH A O     1 
HETATM 415 O  O     . HOH D 4 .  ? -0.329  -1.403  -6.965  1.00 31.25 ? 48 HOH A O     1 
HETATM 416 O  O     . HOH D 4 .  ? 4.899   4.623   4.911   1.00 41.11 ? 49 HOH A O     1 
HETATM 417 O  O     . HOH E 4 .  ? 2.466   -0.157  3.774   1.00 42.91 ? 22 HOH B O     1 
HETATM 418 O  O     . HOH E 4 .  ? 15.602  13.367  -1.696  1.00 33.91 ? 23 HOH B O     1 
HETATM 419 O  O     . HOH E 4 .  ? -8.392  -3.428  5.807   1.00 38.41 ? 24 HOH B O     1 
HETATM 420 O  O     . HOH E 4 .  ? 5.238   -0.678  3.997   1.00 23.88 ? 25 HOH B O     1 
HETATM 421 O  O     . HOH E 4 .  ? -5.179  -0.722  -2.237  1.00 31.05 ? 27 HOH B O     1 
HETATM 422 O  O     . HOH E 4 .  ? 14.016  6.342   1.178   1.00 38.70 ? 30 HOH B O     1 
HETATM 423 O  O     . HOH E 4 .  ? -12.216 0.382   3.838   1.00 36.59 ? 32 HOH B O     1 
HETATM 424 O  O     . HOH E 4 .  ? 10.750  4.176   2.516   1.00 27.19 ? 33 HOH B O     1 
HETATM 425 O  O     . HOH E 4 .  ? 6.845   1.684   4.595   1.00 40.77 ? 34 HOH B O     1 
HETATM 426 O  O     . HOH E 4 .  ? 3.256   11.544  -5.003  1.00 42.89 ? 36 HOH B O     1 
HETATM 427 O  O     . HOH E 4 .  ? 8.193   9.161   -4.169  1.00 40.07 ? 38 HOH B O     1 
HETATM 428 O  O     . HOH E 4 .  ? -3.275  1.405   0.744   1.00 36.49 ? 39 HOH B O     1 
HETATM 429 O  O     . HOH E 4 .  ? -7.182  9.698   3.481   1.00 41.90 ? 40 HOH B O     1 
HETATM 430 O  O     . HOH E 4 .  ? 8.376   4.803   3.961   1.00 41.78 ? 42 HOH B O     1 
HETATM 431 O  O     . HOH E 4 .  ? 6.268   10.719  -3.743  1.00 44.41 ? 44 HOH B O     1 
HETATM 432 O  O     . HOH E 4 .  ? -9.535  -1.034  -7.085  1.00 46.45 ? 45 HOH B O     1 
HETATM 433 O  O     . HOH E 4 .  ? 11.660  1.857   3.130   1.00 39.91 ? 46 HOH B O     1 
HETATM 434 O  O     . HOH E 4 .  ? 5.833   -2.117  6.183   1.00 38.77 ? 47 HOH B O     1 
# 
loop_
_pdbx_poly_seq_scheme.asym_id 
_pdbx_poly_seq_scheme.entity_id 
_pdbx_poly_seq_scheme.seq_id 
_pdbx_poly_seq_scheme.mon_id 
_pdbx_poly_seq_scheme.ndb_seq_num 
_pdbx_poly_seq_scheme.pdb_seq_num 
_pdbx_poly_seq_scheme.auth_seq_num 
_pdbx_poly_seq_scheme.pdb_mon_id 
_pdbx_poly_seq_scheme.auth_mon_id 
_pdbx_poly_seq_scheme.pdb_strand_id 
_pdbx_poly_seq_scheme.pdb_ins_code 
_pdbx_poly_seq_scheme.hetero 
A 1 1  DG 1  1  1  DG G A . n 
A 1 2  DC 2  2  2  DC C A . n 
A 1 3  DG 3  3  3  DG G A . n 
A 1 4  DT 4  4  4  DT T A . n 
A 1 5  DG 5  5  5  DG G A . n 
A 1 6  DG 6  6  6  DG G A . n 
A 1 7  DG 7  7  7  DG G A . n 
A 1 8  DC 8  8  8  DC C A . n 
A 1 9  DA 9  9  9  DA A A . n 
A 1 10 DC 10 10 10 DC C A . n 
B 2 1  DG 1  11 11 DG G B . n 
B 2 2  DT 2  12 12 DT T B . n 
B 2 3  DG 3  13 13 DG G B . n 
B 2 4  DC 4  14 14 DC C B . n 
B 2 5  DC 5  15 15 DC C B . n 
B 2 6  DC 6  16 16 DC C B . n 
B 2 7  DA 7  17 17 DA A B . n 
B 2 8  DC 8  18 18 DC C B . n 
B 2 9  DG 9  19 19 DG G B . n 
B 2 10 DC 10 20 20 DC C B . n 
# 
loop_
_pdbx_nonpoly_scheme.asym_id 
_pdbx_nonpoly_scheme.entity_id 
_pdbx_nonpoly_scheme.mon_id 
_pdbx_nonpoly_scheme.ndb_seq_num 
_pdbx_nonpoly_scheme.pdb_seq_num 
_pdbx_nonpoly_scheme.auth_seq_num 
_pdbx_nonpoly_scheme.pdb_mon_id 
_pdbx_nonpoly_scheme.auth_mon_id 
_pdbx_nonpoly_scheme.pdb_strand_id 
_pdbx_nonpoly_scheme.pdb_ins_code 
C 3 MG  1  50 50 MG  MG  B . 
D 4 HOH 1  21 21 HOH HOH A . 
D 4 HOH 2  26 26 HOH HOH A . 
D 4 HOH 3  28 28 HOH HOH A . 
D 4 HOH 4  29 29 HOH HOH A . 
D 4 HOH 5  31 31 HOH HOH A . 
D 4 HOH 6  35 35 HOH HOH A . 
D 4 HOH 7  37 37 HOH HOH A . 
D 4 HOH 8  41 41 HOH HOH A . 
D 4 HOH 9  43 43 HOH HOH A . 
D 4 HOH 10 48 48 HOH HOH A . 
D 4 HOH 11 49 49 HOH HOH A . 
E 4 HOH 1  22 22 HOH HOH B . 
E 4 HOH 2  23 23 HOH HOH B . 
E 4 HOH 3  24 24 HOH HOH B . 
E 4 HOH 4  25 25 HOH HOH B . 
E 4 HOH 5  27 27 HOH HOH B . 
E 4 HOH 6  30 30 HOH HOH B . 
E 4 HOH 7  32 32 HOH HOH B . 
E 4 HOH 8  33 33 HOH HOH B . 
E 4 HOH 9  34 34 HOH HOH B . 
E 4 HOH 10 36 36 HOH HOH B . 
E 4 HOH 11 38 38 HOH HOH B . 
E 4 HOH 12 39 39 HOH HOH B . 
E 4 HOH 13 40 40 HOH HOH B . 
E 4 HOH 14 42 42 HOH HOH B . 
E 4 HOH 15 44 44 HOH HOH B . 
E 4 HOH 16 45 45 HOH HOH B . 
E 4 HOH 17 46 46 HOH HOH B . 
E 4 HOH 18 47 47 HOH HOH B . 
# 
_pdbx_struct_assembly.id                   1 
_pdbx_struct_assembly.details              author_defined_assembly 
_pdbx_struct_assembly.method_details       ? 
_pdbx_struct_assembly.oligomeric_details   dimeric 
_pdbx_struct_assembly.oligomeric_count     2 
# 
_pdbx_struct_assembly_gen.assembly_id       1 
_pdbx_struct_assembly_gen.oper_expression   1 
_pdbx_struct_assembly_gen.asym_id_list      A,B,C,D,E 
# 
_pdbx_struct_oper_list.id                   1 
_pdbx_struct_oper_list.type                 'identity operation' 
_pdbx_struct_oper_list.name                 1_555 
_pdbx_struct_oper_list.symmetry_operation   x,y,z 
_pdbx_struct_oper_list.matrix[1][1]         1.0000000000 
_pdbx_struct_oper_list.matrix[1][2]         0.0000000000 
_pdbx_struct_oper_list.matrix[1][3]         0.0000000000 
_pdbx_struct_oper_list.vector[1]            0.0000000000 
_pdbx_struct_oper_list.matrix[2][1]         0.0000000000 
_pdbx_struct_oper_list.matrix[2][2]         1.0000000000 
_pdbx_struct_oper_list.matrix[2][3]         0.0000000000 
_pdbx_struct_oper_list.vector[2]            0.0000000000 
_pdbx_struct_oper_list.matrix[3][1]         0.0000000000 
_pdbx_struct_oper_list.matrix[3][2]         0.0000000000 
_pdbx_struct_oper_list.matrix[3][3]         1.0000000000 
_pdbx_struct_oper_list.vector[3]            0.0000000000 
# 
loop_
_pdbx_audit_revision_history.ordinal 
_pdbx_audit_revision_history.data_content_type 
_pdbx_audit_revision_history.major_revision 
_pdbx_audit_revision_history.minor_revision 
_pdbx_audit_revision_history.revision_date 
1 'Structure model' 1 0 2005-09-27 
2 'Structure model' 1 1 2008-05-01 
3 'Structure model' 1 2 2011-07-13 
4 'Structure model' 1 3 2017-10-11 
5 'Structure model' 1 4 2023-08-23 
# 
_pdbx_audit_revision_details.ordinal             1 
_pdbx_audit_revision_details.revision_ordinal    1 
_pdbx_audit_revision_details.data_content_type   'Structure model' 
_pdbx_audit_revision_details.provider            repository 
_pdbx_audit_revision_details.type                'Initial release' 
_pdbx_audit_revision_details.description         ? 
_pdbx_audit_revision_details.details             ? 
# 
loop_
_pdbx_audit_revision_group.ordinal 
_pdbx_audit_revision_group.revision_ordinal 
_pdbx_audit_revision_group.data_content_type 
_pdbx_audit_revision_group.group 
1 2 'Structure model' 'Version format compliance' 
2 3 'Structure model' 'Version format compliance' 
3 4 'Structure model' 'Refinement description'    
4 5 'Structure model' 'Data collection'           
5 5 'Structure model' 'Database references'       
6 5 'Structure model' 'Derived calculations'      
7 5 'Structure model' 'Refinement description'    
# 
loop_
_pdbx_audit_revision_category.ordinal 
_pdbx_audit_revision_category.revision_ordinal 
_pdbx_audit_revision_category.data_content_type 
_pdbx_audit_revision_category.category 
1 4 'Structure model' software                      
2 5 'Structure model' chem_comp_atom                
3 5 'Structure model' chem_comp_bond                
4 5 'Structure model' database_2                    
5 5 'Structure model' pdbx_initial_refinement_model 
6 5 'Structure model' struct_conn                   
7 5 'Structure model' struct_site                   
# 
loop_
_pdbx_audit_revision_item.ordinal 
_pdbx_audit_revision_item.revision_ordinal 
_pdbx_audit_revision_item.data_content_type 
_pdbx_audit_revision_item.item 
1  4 'Structure model' '_software.classification'            
2  4 'Structure model' '_software.contact_author'            
3  4 'Structure model' '_software.contact_author_email'      
4  4 'Structure model' '_software.date'                      
5  4 'Structure model' '_software.language'                  
6  4 'Structure model' '_software.location'                  
7  4 'Structure model' '_software.name'                      
8  4 'Structure model' '_software.type'                      
9  4 'Structure model' '_software.version'                   
10 5 'Structure model' '_database_2.pdbx_DOI'                
11 5 'Structure model' '_database_2.pdbx_database_accession' 
12 5 'Structure model' '_struct_conn.ptnr1_auth_comp_id'     
13 5 'Structure model' '_struct_conn.ptnr1_auth_seq_id'      
14 5 'Structure model' '_struct_conn.ptnr1_label_asym_id'    
15 5 'Structure model' '_struct_conn.ptnr1_label_atom_id'    
16 5 'Structure model' '_struct_conn.ptnr1_label_comp_id'    
17 5 'Structure model' '_struct_conn.ptnr2_auth_comp_id'     
18 5 'Structure model' '_struct_conn.ptnr2_auth_seq_id'      
19 5 'Structure model' '_struct_conn.ptnr2_label_asym_id'    
20 5 'Structure model' '_struct_conn.ptnr2_label_atom_id'    
21 5 'Structure model' '_struct_conn.ptnr2_label_comp_id'    
22 5 'Structure model' '_struct_site.pdbx_auth_asym_id'      
23 5 'Structure model' '_struct_site.pdbx_auth_comp_id'      
24 5 'Structure model' '_struct_site.pdbx_auth_seq_id'       
# 
_pdbx_phasing_MR.entry_id                     2B1B 
_pdbx_phasing_MR.method_rotation              ? 
_pdbx_phasing_MR.method_translation           ? 
_pdbx_phasing_MR.model_details                ? 
_pdbx_phasing_MR.R_factor                     ? 
_pdbx_phasing_MR.R_rigid_body                 ? 
_pdbx_phasing_MR.correlation_coeff_Fo_to_Fc   ? 
_pdbx_phasing_MR.correlation_coeff_Io_to_Ic   ? 
_pdbx_phasing_MR.d_res_high_rotation          3.000 
_pdbx_phasing_MR.d_res_low_rotation           10.000 
_pdbx_phasing_MR.d_res_high_translation       3.000 
_pdbx_phasing_MR.d_res_low_translation        12.000 
_pdbx_phasing_MR.packing                      ? 
_pdbx_phasing_MR.reflns_percent_rotation      ? 
_pdbx_phasing_MR.reflns_percent_translation   ? 
_pdbx_phasing_MR.sigma_F_rotation             ? 
_pdbx_phasing_MR.sigma_F_translation          ? 
_pdbx_phasing_MR.sigma_I_rotation             ? 
_pdbx_phasing_MR.sigma_I_translation          ? 
# 
loop_
_software.name 
_software.version 
_software.date 
_software.type 
_software.contact_author 
_software.contact_author_email 
_software.classification 
_software.location 
_software.language 
_software.citation_id 
_software.pdbx_ordinal 
DENZO       .     ?               package 'Zbyszek Otwinowski' zbyszek@mix.swmed.edu    'data reduction'  
http://www.lnls.br/infra/linhasluz/denzo-hkl.htm ?          ? 1 
SCALEPACK   .     ?               package 'Zbyszek Otwinowski' zbyszek@mix.swmed.edu    'data scaling'    
http://www.lnls.br/infra/linhasluz/denzo-hkl.htm ?          ? 2 
AMoRE       .     ?               program 'Jorge Navaza'       ccp4@dl.ac.uk            phasing           
http://www.ccp4.ac.uk/main.html                  Fortran    ? 3 
CNS         .     ?               package 'Axel T. Brunger'    axel.brunger@yale.edu    refinement        
http://cns.csb.yale.edu/v1.1/                    Fortran_77 ? 4 
PDB_EXTRACT 1.700 'May. 30, 2005' package PDB                  sw-help@rcsb.rutgers.edu 'data extraction' 
http://pdb.rutgers.edu/software/                 C++        ? 5 
CBASS       .     ?               ?       ?                    ?                        'data collection' ? ?          ? 6 
# 
loop_
_pdbx_validate_rmsd_bond.id 
_pdbx_validate_rmsd_bond.PDB_model_num 
_pdbx_validate_rmsd_bond.auth_atom_id_1 
_pdbx_validate_rmsd_bond.auth_asym_id_1 
_pdbx_validate_rmsd_bond.auth_comp_id_1 
_pdbx_validate_rmsd_bond.auth_seq_id_1 
_pdbx_validate_rmsd_bond.PDB_ins_code_1 
_pdbx_validate_rmsd_bond.label_alt_id_1 
_pdbx_validate_rmsd_bond.auth_atom_id_2 
_pdbx_validate_rmsd_bond.auth_asym_id_2 
_pdbx_validate_rmsd_bond.auth_comp_id_2 
_pdbx_validate_rmsd_bond.auth_seq_id_2 
_pdbx_validate_rmsd_bond.PDB_ins_code_2 
_pdbx_validate_rmsd_bond.label_alt_id_2 
_pdbx_validate_rmsd_bond.bond_value 
_pdbx_validate_rmsd_bond.bond_target_value 
_pdbx_validate_rmsd_bond.bond_deviation 
_pdbx_validate_rmsd_bond.bond_standard_deviation 
_pdbx_validate_rmsd_bond.linker_flag 
1 1 C2 A DG 6  ? ? N3 A DG 6  ? ? 1.250 1.323 -0.073 0.008 N 
2 1 N9 A DG 6  ? ? C4 A DG 6  ? ? 1.313 1.375 -0.062 0.008 N 
3 1 C6 A DG 7  ? ? O6 A DG 7  ? ? 1.299 1.237 0.062  0.009 N 
4 1 C4 B DC 20 ? ? C5 B DC 20 ? ? 1.474 1.425 0.049  0.008 N 
# 
loop_
_pdbx_validate_rmsd_angle.id 
_pdbx_validate_rmsd_angle.PDB_model_num 
_pdbx_validate_rmsd_angle.auth_atom_id_1 
_pdbx_validate_rmsd_angle.auth_asym_id_1 
_pdbx_validate_rmsd_angle.auth_comp_id_1 
_pdbx_validate_rmsd_angle.auth_seq_id_1 
_pdbx_validate_rmsd_angle.PDB_ins_code_1 
_pdbx_validate_rmsd_angle.label_alt_id_1 
_pdbx_validate_rmsd_angle.auth_atom_id_2 
_pdbx_validate_rmsd_angle.auth_asym_id_2 
_pdbx_validate_rmsd_angle.auth_comp_id_2 
_pdbx_validate_rmsd_angle.auth_seq_id_2 
_pdbx_validate_rmsd_angle.PDB_ins_code_2 
_pdbx_validate_rmsd_angle.label_alt_id_2 
_pdbx_validate_rmsd_angle.auth_atom_id_3 
_pdbx_validate_rmsd_angle.auth_asym_id_3 
_pdbx_validate_rmsd_angle.auth_comp_id_3 
_pdbx_validate_rmsd_angle.auth_seq_id_3 
_pdbx_validate_rmsd_angle.PDB_ins_code_3 
_pdbx_validate_rmsd_angle.label_alt_id_3 
_pdbx_validate_rmsd_angle.angle_value 
_pdbx_validate_rmsd_angle.angle_target_value 
_pdbx_validate_rmsd_angle.angle_deviation 
_pdbx_validate_rmsd_angle.angle_standard_deviation 
_pdbx_validate_rmsd_angle.linker_flag 
1 1 "O5'" B DC 15 ? ? P     B DC 15 ? ? OP2   B DC 15 ? ? 98.90  105.70 -6.80 0.90 N 
2 1 "O4'" B DC 15 ? ? "C4'" B DC 15 ? ? "C3'" B DC 15 ? ? 101.41 104.50 -3.09 0.40 N 
3 1 "C1'" B DA 17 ? ? "O4'" B DA 17 ? ? "C4'" B DA 17 ? ? 103.99 110.10 -6.11 1.00 N 
# 
_pdbx_validate_planes.id              1 
_pdbx_validate_planes.PDB_model_num   1 
_pdbx_validate_planes.auth_comp_id    DC 
_pdbx_validate_planes.auth_asym_id    B 
_pdbx_validate_planes.auth_seq_id     14 
_pdbx_validate_planes.PDB_ins_code    ? 
_pdbx_validate_planes.label_alt_id    ? 
_pdbx_validate_planes.rmsd            0.061 
_pdbx_validate_planes.type            'SIDE CHAIN' 
# 
loop_
_chem_comp_atom.comp_id 
_chem_comp_atom.atom_id 
_chem_comp_atom.type_symbol 
_chem_comp_atom.pdbx_aromatic_flag 
_chem_comp_atom.pdbx_stereo_config 
_chem_comp_atom.pdbx_ordinal 
DA  OP3    O  N N 1   
DA  P      P  N N 2   
DA  OP1    O  N N 3   
DA  OP2    O  N N 4   
DA  "O5'"  O  N N 5   
DA  "C5'"  C  N N 6   
DA  "C4'"  C  N R 7   
DA  "O4'"  O  N N 8   
DA  "C3'"  C  N S 9   
DA  "O3'"  O  N N 10  
DA  "C2'"  C  N N 11  
DA  "C1'"  C  N R 12  
DA  N9     N  Y N 13  
DA  C8     C  Y N 14  
DA  N7     N  Y N 15  
DA  C5     C  Y N 16  
DA  C6     C  Y N 17  
DA  N6     N  N N 18  
DA  N1     N  Y N 19  
DA  C2     C  Y N 20  
DA  N3     N  Y N 21  
DA  C4     C  Y N 22  
DA  HOP3   H  N N 23  
DA  HOP2   H  N N 24  
DA  "H5'"  H  N N 25  
DA  "H5''" H  N N 26  
DA  "H4'"  H  N N 27  
DA  "H3'"  H  N N 28  
DA  "HO3'" H  N N 29  
DA  "H2'"  H  N N 30  
DA  "H2''" H  N N 31  
DA  "H1'"  H  N N 32  
DA  H8     H  N N 33  
DA  H61    H  N N 34  
DA  H62    H  N N 35  
DA  H2     H  N N 36  
DC  OP3    O  N N 37  
DC  P      P  N N 38  
DC  OP1    O  N N 39  
DC  OP2    O  N N 40  
DC  "O5'"  O  N N 41  
DC  "C5'"  C  N N 42  
DC  "C4'"  C  N R 43  
DC  "O4'"  O  N N 44  
DC  "C3'"  C  N S 45  
DC  "O3'"  O  N N 46  
DC  "C2'"  C  N N 47  
DC  "C1'"  C  N R 48  
DC  N1     N  N N 49  
DC  C2     C  N N 50  
DC  O2     O  N N 51  
DC  N3     N  N N 52  
DC  C4     C  N N 53  
DC  N4     N  N N 54  
DC  C5     C  N N 55  
DC  C6     C  N N 56  
DC  HOP3   H  N N 57  
DC  HOP2   H  N N 58  
DC  "H5'"  H  N N 59  
DC  "H5''" H  N N 60  
DC  "H4'"  H  N N 61  
DC  "H3'"  H  N N 62  
DC  "HO3'" H  N N 63  
DC  "H2'"  H  N N 64  
DC  "H2''" H  N N 65  
DC  "H1'"  H  N N 66  
DC  H41    H  N N 67  
DC  H42    H  N N 68  
DC  H5     H  N N 69  
DC  H6     H  N N 70  
DG  OP3    O  N N 71  
DG  P      P  N N 72  
DG  OP1    O  N N 73  
DG  OP2    O  N N 74  
DG  "O5'"  O  N N 75  
DG  "C5'"  C  N N 76  
DG  "C4'"  C  N R 77  
DG  "O4'"  O  N N 78  
DG  "C3'"  C  N S 79  
DG  "O3'"  O  N N 80  
DG  "C2'"  C  N N 81  
DG  "C1'"  C  N R 82  
DG  N9     N  Y N 83  
DG  C8     C  Y N 84  
DG  N7     N  Y N 85  
DG  C5     C  Y N 86  
DG  C6     C  N N 87  
DG  O6     O  N N 88  
DG  N1     N  N N 89  
DG  C2     C  N N 90  
DG  N2     N  N N 91  
DG  N3     N  N N 92  
DG  C4     C  Y N 93  
DG  HOP3   H  N N 94  
DG  HOP2   H  N N 95  
DG  "H5'"  H  N N 96  
DG  "H5''" H  N N 97  
DG  "H4'"  H  N N 98  
DG  "H3'"  H  N N 99  
DG  "HO3'" H  N N 100 
DG  "H2'"  H  N N 101 
DG  "H2''" H  N N 102 
DG  "H1'"  H  N N 103 
DG  H8     H  N N 104 
DG  H1     H  N N 105 
DG  H21    H  N N 106 
DG  H22    H  N N 107 
DT  OP3    O  N N 108 
DT  P      P  N N 109 
DT  OP1    O  N N 110 
DT  OP2    O  N N 111 
DT  "O5'"  O  N N 112 
DT  "C5'"  C  N N 113 
DT  "C4'"  C  N R 114 
DT  "O4'"  O  N N 115 
DT  "C3'"  C  N S 116 
DT  "O3'"  O  N N 117 
DT  "C2'"  C  N N 118 
DT  "C1'"  C  N R 119 
DT  N1     N  N N 120 
DT  C2     C  N N 121 
DT  O2     O  N N 122 
DT  N3     N  N N 123 
DT  C4     C  N N 124 
DT  O4     O  N N 125 
DT  C5     C  N N 126 
DT  C7     C  N N 127 
DT  C6     C  N N 128 
DT  HOP3   H  N N 129 
DT  HOP2   H  N N 130 
DT  "H5'"  H  N N 131 
DT  "H5''" H  N N 132 
DT  "H4'"  H  N N 133 
DT  "H3'"  H  N N 134 
DT  "HO3'" H  N N 135 
DT  "H2'"  H  N N 136 
DT  "H2''" H  N N 137 
DT  "H1'"  H  N N 138 
DT  H3     H  N N 139 
DT  H71    H  N N 140 
DT  H72    H  N N 141 
DT  H73    H  N N 142 
DT  H6     H  N N 143 
HOH O      O  N N 144 
HOH H1     H  N N 145 
HOH H2     H  N N 146 
MG  MG     MG N N 147 
# 
loop_
_chem_comp_bond.comp_id 
_chem_comp_bond.atom_id_1 
_chem_comp_bond.atom_id_2 
_chem_comp_bond.value_order 
_chem_comp_bond.pdbx_aromatic_flag 
_chem_comp_bond.pdbx_stereo_config 
_chem_comp_bond.pdbx_ordinal 
DA  OP3   P      sing N N 1   
DA  OP3   HOP3   sing N N 2   
DA  P     OP1    doub N N 3   
DA  P     OP2    sing N N 4   
DA  P     "O5'"  sing N N 5   
DA  OP2   HOP2   sing N N 6   
DA  "O5'" "C5'"  sing N N 7   
DA  "C5'" "C4'"  sing N N 8   
DA  "C5'" "H5'"  sing N N 9   
DA  "C5'" "H5''" sing N N 10  
DA  "C4'" "O4'"  sing N N 11  
DA  "C4'" "C3'"  sing N N 12  
DA  "C4'" "H4'"  sing N N 13  
DA  "O4'" "C1'"  sing N N 14  
DA  "C3'" "O3'"  sing N N 15  
DA  "C3'" "C2'"  sing N N 16  
DA  "C3'" "H3'"  sing N N 17  
DA  "O3'" "HO3'" sing N N 18  
DA  "C2'" "C1'"  sing N N 19  
DA  "C2'" "H2'"  sing N N 20  
DA  "C2'" "H2''" sing N N 21  
DA  "C1'" N9     sing N N 22  
DA  "C1'" "H1'"  sing N N 23  
DA  N9    C8     sing Y N 24  
DA  N9    C4     sing Y N 25  
DA  C8    N7     doub Y N 26  
DA  C8    H8     sing N N 27  
DA  N7    C5     sing Y N 28  
DA  C5    C6     sing Y N 29  
DA  C5    C4     doub Y N 30  
DA  C6    N6     sing N N 31  
DA  C6    N1     doub Y N 32  
DA  N6    H61    sing N N 33  
DA  N6    H62    sing N N 34  
DA  N1    C2     sing Y N 35  
DA  C2    N3     doub Y N 36  
DA  C2    H2     sing N N 37  
DA  N3    C4     sing Y N 38  
DC  OP3   P      sing N N 39  
DC  OP3   HOP3   sing N N 40  
DC  P     OP1    doub N N 41  
DC  P     OP2    sing N N 42  
DC  P     "O5'"  sing N N 43  
DC  OP2   HOP2   sing N N 44  
DC  "O5'" "C5'"  sing N N 45  
DC  "C5'" "C4'"  sing N N 46  
DC  "C5'" "H5'"  sing N N 47  
DC  "C5'" "H5''" sing N N 48  
DC  "C4'" "O4'"  sing N N 49  
DC  "C4'" "C3'"  sing N N 50  
DC  "C4'" "H4'"  sing N N 51  
DC  "O4'" "C1'"  sing N N 52  
DC  "C3'" "O3'"  sing N N 53  
DC  "C3'" "C2'"  sing N N 54  
DC  "C3'" "H3'"  sing N N 55  
DC  "O3'" "HO3'" sing N N 56  
DC  "C2'" "C1'"  sing N N 57  
DC  "C2'" "H2'"  sing N N 58  
DC  "C2'" "H2''" sing N N 59  
DC  "C1'" N1     sing N N 60  
DC  "C1'" "H1'"  sing N N 61  
DC  N1    C2     sing N N 62  
DC  N1    C6     sing N N 63  
DC  C2    O2     doub N N 64  
DC  C2    N3     sing N N 65  
DC  N3    C4     doub N N 66  
DC  C4    N4     sing N N 67  
DC  C4    C5     sing N N 68  
DC  N4    H41    sing N N 69  
DC  N4    H42    sing N N 70  
DC  C5    C6     doub N N 71  
DC  C5    H5     sing N N 72  
DC  C6    H6     sing N N 73  
DG  OP3   P      sing N N 74  
DG  OP3   HOP3   sing N N 75  
DG  P     OP1    doub N N 76  
DG  P     OP2    sing N N 77  
DG  P     "O5'"  sing N N 78  
DG  OP2   HOP2   sing N N 79  
DG  "O5'" "C5'"  sing N N 80  
DG  "C5'" "C4'"  sing N N 81  
DG  "C5'" "H5'"  sing N N 82  
DG  "C5'" "H5''" sing N N 83  
DG  "C4'" "O4'"  sing N N 84  
DG  "C4'" "C3'"  sing N N 85  
DG  "C4'" "H4'"  sing N N 86  
DG  "O4'" "C1'"  sing N N 87  
DG  "C3'" "O3'"  sing N N 88  
DG  "C3'" "C2'"  sing N N 89  
DG  "C3'" "H3'"  sing N N 90  
DG  "O3'" "HO3'" sing N N 91  
DG  "C2'" "C1'"  sing N N 92  
DG  "C2'" "H2'"  sing N N 93  
DG  "C2'" "H2''" sing N N 94  
DG  "C1'" N9     sing N N 95  
DG  "C1'" "H1'"  sing N N 96  
DG  N9    C8     sing Y N 97  
DG  N9    C4     sing Y N 98  
DG  C8    N7     doub Y N 99  
DG  C8    H8     sing N N 100 
DG  N7    C5     sing Y N 101 
DG  C5    C6     sing N N 102 
DG  C5    C4     doub Y N 103 
DG  C6    O6     doub N N 104 
DG  C6    N1     sing N N 105 
DG  N1    C2     sing N N 106 
DG  N1    H1     sing N N 107 
DG  C2    N2     sing N N 108 
DG  C2    N3     doub N N 109 
DG  N2    H21    sing N N 110 
DG  N2    H22    sing N N 111 
DG  N3    C4     sing N N 112 
DT  OP3   P      sing N N 113 
DT  OP3   HOP3   sing N N 114 
DT  P     OP1    doub N N 115 
DT  P     OP2    sing N N 116 
DT  P     "O5'"  sing N N 117 
DT  OP2   HOP2   sing N N 118 
DT  "O5'" "C5'"  sing N N 119 
DT  "C5'" "C4'"  sing N N 120 
DT  "C5'" "H5'"  sing N N 121 
DT  "C5'" "H5''" sing N N 122 
DT  "C4'" "O4'"  sing N N 123 
DT  "C4'" "C3'"  sing N N 124 
DT  "C4'" "H4'"  sing N N 125 
DT  "O4'" "C1'"  sing N N 126 
DT  "C3'" "O3'"  sing N N 127 
DT  "C3'" "C2'"  sing N N 128 
DT  "C3'" "H3'"  sing N N 129 
DT  "O3'" "HO3'" sing N N 130 
DT  "C2'" "C1'"  sing N N 131 
DT  "C2'" "H2'"  sing N N 132 
DT  "C2'" "H2''" sing N N 133 
DT  "C1'" N1     sing N N 134 
DT  "C1'" "H1'"  sing N N 135 
DT  N1    C2     sing N N 136 
DT  N1    C6     sing N N 137 
DT  C2    O2     doub N N 138 
DT  C2    N3     sing N N 139 
DT  N3    C4     sing N N 140 
DT  N3    H3     sing N N 141 
DT  C4    O4     doub N N 142 
DT  C4    C5     sing N N 143 
DT  C5    C7     sing N N 144 
DT  C5    C6     doub N N 145 
DT  C7    H71    sing N N 146 
DT  C7    H72    sing N N 147 
DT  C7    H73    sing N N 148 
DT  C6    H6     sing N N 149 
HOH O     H1     sing N N 150 
HOH O     H2     sing N N 151 
# 
_ndb_struct_conf_na.entry_id   2B1B 
_ndb_struct_conf_na.feature    'a-form double helix' 
# 
loop_
_ndb_struct_na_base_pair.model_number 
_ndb_struct_na_base_pair.i_label_asym_id 
_ndb_struct_na_base_pair.i_label_comp_id 
_ndb_struct_na_base_pair.i_label_seq_id 
_ndb_struct_na_base_pair.i_symmetry 
_ndb_struct_na_base_pair.j_label_asym_id 
_ndb_struct_na_base_pair.j_label_comp_id 
_ndb_struct_na_base_pair.j_label_seq_id 
_ndb_struct_na_base_pair.j_symmetry 
_ndb_struct_na_base_pair.shear 
_ndb_struct_na_base_pair.stretch 
_ndb_struct_na_base_pair.stagger 
_ndb_struct_na_base_pair.buckle 
_ndb_struct_na_base_pair.propeller 
_ndb_struct_na_base_pair.opening 
_ndb_struct_na_base_pair.pair_number 
_ndb_struct_na_base_pair.pair_name 
_ndb_struct_na_base_pair.i_auth_asym_id 
_ndb_struct_na_base_pair.i_auth_seq_id 
_ndb_struct_na_base_pair.i_PDB_ins_code 
_ndb_struct_na_base_pair.j_auth_asym_id 
_ndb_struct_na_base_pair.j_auth_seq_id 
_ndb_struct_na_base_pair.j_PDB_ins_code 
_ndb_struct_na_base_pair.hbond_type_28 
_ndb_struct_na_base_pair.hbond_type_12 
1 A DG 1  1_555 B DC 10 1_555 -0.304 -0.054 -0.167 -7.413  -18.655 3.207   1  A_DG1:DC20_B  A 1  ? B 20 ? 19 1 
1 A DC 2  1_555 B DG 9  1_555 0.056  -0.116 0.069  1.215   -6.558  -5.341  2  A_DC2:DG19_B  A 2  ? B 19 ? 19 1 
1 A DG 3  1_555 B DC 8  1_555 -0.178 -0.019 0.563  12.096  -6.100  -3.071  3  A_DG3:DC18_B  A 3  ? B 18 ? 19 1 
1 A DT 4  1_555 B DA 7  1_555 -0.364 -0.416 -0.531 15.737  -14.429 -10.564 4  A_DT4:DA17_B  A 4  ? B 17 ? 20 1 
1 A DG 5  1_555 B DC 6  1_555 -0.211 -0.158 -0.172 0.720   -13.990 -0.471  5  A_DG5:DC16_B  A 5  ? B 16 ? 19 1 
1 A DG 6  1_555 B DC 5  1_555 -0.434 0.035  -0.435 -13.986 -18.356 -2.804  6  A_DG6:DC15_B  A 6  ? B 15 ? 19 1 
1 A DG 7  1_555 B DC 4  1_555 -0.354 -0.013 0.480  -5.299  -16.099 9.182   7  A_DG7:DC14_B  A 7  ? B 14 ? 19 1 
1 A DC 8  1_555 B DG 3  1_555 0.635  -0.277 -0.008 5.227   -14.371 5.561   8  A_DC8:DG13_B  A 8  ? B 13 ? 19 1 
1 A DA 9  1_555 B DT 2  1_555 0.225  -0.084 -0.054 -6.732  -19.515 6.876   9  A_DA9:DT12_B  A 9  ? B 12 ? 20 1 
1 A DC 10 1_555 B DG 1  1_555 0.721  -0.369 -0.042 11.302  -1.471  -5.063  10 A_DC10:DG11_B A 10 ? B 11 ? 19 1 
# 
loop_
_ndb_struct_na_base_pair_step.model_number 
_ndb_struct_na_base_pair_step.i_label_asym_id_1 
_ndb_struct_na_base_pair_step.i_label_comp_id_1 
_ndb_struct_na_base_pair_step.i_label_seq_id_1 
_ndb_struct_na_base_pair_step.i_symmetry_1 
_ndb_struct_na_base_pair_step.j_label_asym_id_1 
_ndb_struct_na_base_pair_step.j_label_comp_id_1 
_ndb_struct_na_base_pair_step.j_label_seq_id_1 
_ndb_struct_na_base_pair_step.j_symmetry_1 
_ndb_struct_na_base_pair_step.i_label_asym_id_2 
_ndb_struct_na_base_pair_step.i_label_comp_id_2 
_ndb_struct_na_base_pair_step.i_label_seq_id_2 
_ndb_struct_na_base_pair_step.i_symmetry_2 
_ndb_struct_na_base_pair_step.j_label_asym_id_2 
_ndb_struct_na_base_pair_step.j_label_comp_id_2 
_ndb_struct_na_base_pair_step.j_label_seq_id_2 
_ndb_struct_na_base_pair_step.j_symmetry_2 
_ndb_struct_na_base_pair_step.shift 
_ndb_struct_na_base_pair_step.slide 
_ndb_struct_na_base_pair_step.rise 
_ndb_struct_na_base_pair_step.tilt 
_ndb_struct_na_base_pair_step.roll 
_ndb_struct_na_base_pair_step.twist 
_ndb_struct_na_base_pair_step.x_displacement 
_ndb_struct_na_base_pair_step.y_displacement 
_ndb_struct_na_base_pair_step.helical_rise 
_ndb_struct_na_base_pair_step.inclination 
_ndb_struct_na_base_pair_step.tip 
_ndb_struct_na_base_pair_step.helical_twist 
_ndb_struct_na_base_pair_step.step_number 
_ndb_struct_na_base_pair_step.step_name 
_ndb_struct_na_base_pair_step.i_auth_asym_id_1 
_ndb_struct_na_base_pair_step.i_auth_seq_id_1 
_ndb_struct_na_base_pair_step.i_PDB_ins_code_1 
_ndb_struct_na_base_pair_step.j_auth_asym_id_1 
_ndb_struct_na_base_pair_step.j_auth_seq_id_1 
_ndb_struct_na_base_pair_step.j_PDB_ins_code_1 
_ndb_struct_na_base_pair_step.i_auth_asym_id_2 
_ndb_struct_na_base_pair_step.i_auth_seq_id_2 
_ndb_struct_na_base_pair_step.i_PDB_ins_code_2 
_ndb_struct_na_base_pair_step.j_auth_asym_id_2 
_ndb_struct_na_base_pair_step.j_auth_seq_id_2 
_ndb_struct_na_base_pair_step.j_PDB_ins_code_2 
1 A DG 1 1_555 B DC 10 1_555 A DC 2  1_555 B DG 9 1_555 -0.331 -0.828 3.083 -3.302 8.270  30.905 -2.855 0.056  2.793 15.129 6.041 
32.133 1 AA_DG1DC2:DG19DC20_BB  A 1 ? B 20 ? A 2  ? B 19 ? 
1 A DC 2 1_555 B DG 9  1_555 A DG 3  1_555 B DC 8 1_555 0.366  -1.496 2.900 -2.805 3.324  30.956 -3.317 -1.135 2.686 6.189  5.223 
31.253 2 AA_DC2DG3:DC18DG19_BB  A 2 ? B 19 ? A 3  ? B 18 ? 
1 A DG 3 1_555 B DC 8  1_555 A DT 4  1_555 B DA 7 1_555 -0.808 -1.418 3.104 5.098  8.235  33.270 -3.502 2.051  2.543 14.017 -8.679 
34.613 3 AA_DG3DT4:DA17DC18_BB  A 3 ? B 18 ? A 4  ? B 17 ? 
1 A DT 4 1_555 B DA 7  1_555 A DG 5  1_555 B DC 6 1_555 -0.526 -1.536 3.685 -6.298 13.894 29.580 -5.126 -0.184 2.761 25.213 11.428 
33.203 4 AA_DT4DG5:DC16DA17_BB  A 4 ? B 17 ? A 5  ? B 16 ? 
1 A DG 5 1_555 B DC 6  1_555 A DG 6  1_555 B DC 5 1_555 0.121  -1.752 3.574 1.500  13.521 29.631 -5.449 0.043  2.555 24.855 -2.758 
32.541 5 AA_DG5DG6:DC15DC16_BB  A 5 ? B 16 ? A 6  ? B 15 ? 
1 A DG 6 1_555 B DC 5  1_555 A DG 7  1_555 B DC 4 1_555 0.599  -1.842 2.895 -3.490 9.035  33.281 -4.214 -1.439 2.260 15.374 5.939 
34.623 6 AA_DG6DG7:DC14DC15_BB  A 6 ? B 15 ? A 7  ? B 14 ? 
1 A DG 7 1_555 B DC 4  1_555 A DC 8  1_555 B DG 3 1_555 0.638  -1.567 3.150 5.939  1.183  32.833 -2.919 -0.154 3.157 2.071  
-10.396 33.372 7 AA_DG7DC8:DG13DC14_BB  A 7 ? B 14 ? A 8  ? B 13 ? 
1 A DC 8 1_555 B DG 3  1_555 A DA 9  1_555 B DT 2 1_555 -0.139 -1.269 3.443 5.742  8.802  34.391 -3.321 1.050  2.978 14.473 -9.441 
35.914 8 AA_DC8DA9:DT12DG13_BB  A 8 ? B 13 ? A 9  ? B 12 ? 
1 A DA 9 1_555 B DT 2  1_555 A DC 10 1_555 B DG 1 1_555 0.502  -1.184 2.829 0.994  6.375  31.243 -3.121 -0.763 2.557 11.682 -1.822 
31.886 9 AA_DA9DC10:DG11DT12_BB A 9 ? B 12 ? A 10 ? B 11 ? 
# 
loop_
_pdbx_entity_nonpoly.entity_id 
_pdbx_entity_nonpoly.name 
_pdbx_entity_nonpoly.comp_id 
3 'MAGNESIUM ION' MG  
4 water           HOH 
# 
_pdbx_initial_refinement_model.id               1 
_pdbx_initial_refinement_model.entity_id_list   ? 
_pdbx_initial_refinement_model.type             'experimental model' 
_pdbx_initial_refinement_model.source_name      PDB 
_pdbx_initial_refinement_model.accession_code   401D 
_pdbx_initial_refinement_model.details          'PDB ENTRY 401D' 
# 
